data_1B8H
#
_entry.id   1B8H
#
_cell.length_a   67.000
_cell.length_b   90.500
_cell.length_c   146.000
_cell.angle_alpha   90.00
_cell.angle_beta   90.00
_cell.angle_gamma   90.00
#
_symmetry.space_group_name_H-M   'P 21 21 21'
#
loop_
_entity.id
_entity.type
_entity.pdbx_description
1 polymer 'DNA POLYMERASE PROCESSIVITY COMPONENT'
2 polymer 'DNA POLYMERASE fragment'
#
loop_
_entity_poly.entity_id
_entity_poly.type
_entity_poly.pdbx_seq_one_letter_code
_entity_poly.pdbx_strand_id
1 'polypeptide(L)'
;MKLSKDTIAILKNFASINSGILLSQGKFIMTRAVNGTTYAEANISDEIDFDVALYDLNSFLSILSLVSDDAEISMHTDGN
IKIADTRSTVYWPAADKSTIVFPNKPIQFPVASVITEIKAEDLQQLLRVSRGLQIDTIAITNKDGKIVINGYNKVEDSGL
TRPKYSLTLTDYDGSNNFNFVINMANMKIQPGNYKVMLWGAGDKVAAKFESSQVSYVIAMEADSTHDF
;
A,B,C
2 'polypeptide(L)' KKASLFDMFDF D
#
# COMPACT_ATOMS: atom_id res chain seq x y z
N MET A 1 24.44 -19.24 -16.13
CA MET A 1 24.85 -17.95 -15.52
C MET A 1 24.14 -17.65 -14.20
N LYS A 2 24.51 -16.55 -13.55
CA LYS A 2 23.88 -16.12 -12.32
C LYS A 2 23.75 -14.60 -12.37
N LEU A 3 22.85 -14.05 -11.56
CA LEU A 3 22.64 -12.62 -11.55
C LEU A 3 22.52 -12.09 -10.12
N SER A 4 23.50 -11.29 -9.70
CA SER A 4 23.52 -10.70 -8.36
C SER A 4 22.46 -9.63 -8.26
N LYS A 5 22.25 -9.15 -7.03
CA LYS A 5 21.26 -8.12 -6.77
C LYS A 5 21.58 -6.88 -7.60
N ASP A 6 22.85 -6.49 -7.63
CA ASP A 6 23.26 -5.31 -8.38
C ASP A 6 22.85 -5.36 -9.82
N THR A 7 23.16 -6.48 -10.46
CA THR A 7 22.81 -6.66 -11.85
C THR A 7 21.28 -6.53 -11.95
N ILE A 8 20.59 -7.33 -11.17
CA ILE A 8 19.14 -7.34 -11.17
C ILE A 8 18.56 -5.95 -10.99
N ALA A 9 19.16 -5.16 -10.11
CA ALA A 9 18.73 -3.79 -9.86
C ALA A 9 18.75 -2.95 -11.15
N ILE A 10 19.90 -2.85 -11.80
CA ILE A 10 20.00 -2.06 -13.01
C ILE A 10 18.97 -2.52 -14.05
N LEU A 11 18.86 -3.82 -14.28
CA LEU A 11 17.91 -4.36 -15.27
C LEU A 11 16.48 -3.98 -14.91
N LYS A 12 16.25 -3.75 -13.63
CA LYS A 12 14.94 -3.38 -13.13
C LYS A 12 14.64 -1.91 -13.52
N ASN A 13 15.70 -1.10 -13.55
CA ASN A 13 15.63 0.29 -13.97
C ASN A 13 15.41 0.17 -15.48
N PHE A 14 16.28 -0.57 -16.14
CA PHE A 14 16.19 -0.83 -17.58
C PHE A 14 14.76 -1.25 -17.96
N ALA A 15 14.16 -2.11 -17.13
CA ALA A 15 12.80 -2.59 -17.38
C ALA A 15 11.78 -1.46 -17.42
N SER A 16 12.10 -0.33 -16.78
CA SER A 16 11.19 0.82 -16.78
C SER A 16 11.36 1.69 -18.03
N ILE A 17 12.45 1.55 -18.77
CA ILE A 17 12.63 2.32 -19.99
C ILE A 17 12.00 1.51 -21.13
N ASN A 18 12.13 0.19 -21.04
CA ASN A 18 11.57 -0.75 -22.01
C ASN A 18 11.14 -2.04 -21.29
N SER A 19 9.87 -2.40 -21.42
CA SER A 19 9.33 -3.61 -20.76
C SER A 19 10.08 -4.91 -21.08
N GLY A 20 10.77 -4.91 -22.22
CA GLY A 20 11.52 -6.08 -22.66
C GLY A 20 13.00 -5.80 -22.83
N ILE A 21 13.77 -6.80 -23.27
CA ILE A 21 15.20 -6.59 -23.44
C ILE A 21 15.86 -7.80 -24.12
N LEU A 22 16.99 -7.59 -24.79
CA LEU A 22 17.70 -8.71 -25.43
C LEU A 22 19.05 -8.83 -24.73
N LEU A 23 19.31 -9.96 -24.10
CA LEU A 23 20.59 -10.16 -23.41
C LEU A 23 21.57 -10.81 -24.36
N SER A 24 22.78 -10.27 -24.46
CA SER A 24 23.77 -10.87 -25.36
C SER A 24 24.95 -11.39 -24.57
N GLN A 25 25.57 -12.46 -25.04
CA GLN A 25 26.72 -13.01 -24.34
C GLN A 25 27.79 -11.92 -24.11
N GLY A 26 28.16 -11.71 -22.85
CA GLY A 26 29.14 -10.71 -22.49
C GLY A 26 28.84 -10.16 -21.11
N LYS A 27 29.50 -9.09 -20.69
CA LYS A 27 29.22 -8.50 -19.37
C LYS A 27 28.75 -7.08 -19.60
N PHE A 28 28.00 -6.91 -20.69
CA PHE A 28 27.46 -5.61 -21.07
C PHE A 28 25.99 -5.76 -21.44
N ILE A 29 25.19 -4.81 -20.99
CA ILE A 29 23.76 -4.81 -21.27
C ILE A 29 23.32 -3.44 -21.73
N MET A 30 22.25 -3.42 -22.51
CA MET A 30 21.72 -2.17 -23.02
C MET A 30 20.26 -2.33 -23.38
N THR A 31 19.57 -1.20 -23.37
CA THR A 31 18.15 -1.16 -23.68
C THR A 31 17.85 0.24 -24.19
N ARG A 32 16.75 0.36 -24.92
CA ARG A 32 16.31 1.62 -25.51
C ARG A 32 14.79 1.65 -25.52
N ALA A 33 14.22 2.80 -25.20
CA ALA A 33 12.77 2.97 -25.17
C ALA A 33 12.14 2.63 -26.52
N VAL A 34 10.84 2.32 -26.51
CA VAL A 34 10.16 1.99 -27.74
C VAL A 34 10.00 3.18 -28.68
N ASN A 35 9.95 4.39 -28.12
CA ASN A 35 9.80 5.61 -28.94
C ASN A 35 11.15 6.21 -29.26
N GLY A 36 12.19 5.58 -28.72
CA GLY A 36 13.54 5.99 -28.98
C GLY A 36 14.03 7.28 -28.36
N THR A 37 13.40 7.74 -27.28
CA THR A 37 13.86 8.96 -26.63
C THR A 37 14.89 8.70 -25.54
N THR A 38 14.99 7.43 -25.11
CA THR A 38 15.92 7.08 -24.05
C THR A 38 16.69 5.78 -24.31
N TYR A 39 18.00 5.82 -24.05
CA TYR A 39 18.89 4.67 -24.20
C TYR A 39 19.70 4.56 -22.89
N ALA A 40 19.96 3.32 -22.47
CA ALA A 40 20.73 3.09 -21.25
C ALA A 40 21.65 1.91 -21.51
N GLU A 41 22.85 1.99 -20.97
CA GLU A 41 23.85 0.94 -21.13
C GLU A 41 24.65 0.82 -19.85
N ALA A 42 25.03 -0.40 -19.47
CA ALA A 42 25.80 -0.59 -18.23
C ALA A 42 26.65 -1.83 -18.28
N ASN A 43 27.76 -1.80 -17.56
CA ASN A 43 28.63 -2.96 -17.51
C ASN A 43 28.43 -3.63 -16.18
N ILE A 44 28.00 -4.89 -16.26
CA ILE A 44 27.73 -5.66 -15.07
C ILE A 44 28.86 -6.61 -14.77
N SER A 45 28.94 -7.00 -13.51
CA SER A 45 29.98 -7.91 -13.09
C SER A 45 29.66 -9.31 -13.57
N ASP A 46 28.37 -9.65 -13.63
CA ASP A 46 27.96 -10.98 -14.05
C ASP A 46 28.14 -11.28 -15.52
N GLU A 47 28.66 -12.44 -15.85
CA GLU A 47 28.87 -12.75 -17.24
C GLU A 47 27.74 -13.57 -17.84
N ILE A 48 27.19 -13.03 -18.92
CA ILE A 48 26.11 -13.66 -19.65
C ILE A 48 26.70 -14.75 -20.57
N ASP A 49 26.25 -16.00 -20.39
CA ASP A 49 26.77 -17.12 -21.17
C ASP A 49 25.91 -17.66 -22.30
N PHE A 50 24.90 -16.89 -22.71
CA PHE A 50 24.01 -17.25 -23.81
C PHE A 50 23.06 -16.12 -24.22
N ASP A 51 22.72 -16.04 -25.50
CA ASP A 51 21.83 -14.99 -26.01
C ASP A 51 20.34 -15.34 -25.94
N VAL A 52 19.59 -14.51 -25.21
CA VAL A 52 18.17 -14.71 -25.04
C VAL A 52 17.45 -13.35 -25.04
N ALA A 53 16.20 -13.32 -25.51
CA ALA A 53 15.43 -12.09 -25.53
C ALA A 53 14.25 -12.25 -24.57
N LEU A 54 14.06 -11.29 -23.69
CA LEU A 54 12.96 -11.36 -22.74
C LEU A 54 11.83 -10.36 -23.06
N TYR A 55 10.58 -10.83 -23.05
CA TYR A 55 9.43 -9.97 -23.36
C TYR A 55 8.98 -9.15 -22.15
N ASP A 56 8.93 -9.81 -20.99
CA ASP A 56 8.52 -9.13 -19.77
C ASP A 56 9.70 -9.17 -18.80
N LEU A 57 10.63 -8.24 -18.98
CA LEU A 57 11.81 -8.21 -18.13
C LEU A 57 11.49 -8.03 -16.65
N ASN A 58 10.53 -7.17 -16.34
CA ASN A 58 10.27 -6.94 -14.94
C ASN A 58 9.67 -8.13 -14.24
N SER A 59 8.82 -8.87 -14.93
CA SER A 59 8.17 -10.02 -14.32
C SER A 59 9.16 -11.17 -14.14
N PHE A 60 10.15 -11.21 -15.02
CA PHE A 60 11.20 -12.21 -14.97
C PHE A 60 12.09 -11.99 -13.75
N LEU A 61 12.55 -10.76 -13.56
CA LEU A 61 13.41 -10.43 -12.41
C LEU A 61 12.72 -10.74 -11.09
N SER A 62 11.42 -10.54 -11.06
CA SER A 62 10.65 -10.79 -9.84
C SER A 62 10.69 -12.26 -9.49
N ILE A 63 10.57 -13.10 -10.51
CA ILE A 63 10.59 -14.54 -10.32
C ILE A 63 11.90 -15.02 -9.68
N LEU A 64 12.95 -14.24 -9.83
CA LEU A 64 14.26 -14.59 -9.26
C LEU A 64 14.34 -14.46 -7.73
N SER A 65 13.58 -13.54 -7.15
CA SER A 65 13.59 -13.30 -5.71
C SER A 65 12.92 -14.43 -4.96
N LEU A 66 12.20 -15.26 -5.71
CA LEU A 66 11.48 -16.39 -5.17
C LEU A 66 12.35 -17.63 -5.16
N VAL A 67 13.56 -17.51 -5.70
CA VAL A 67 14.48 -18.64 -5.74
C VAL A 67 15.80 -18.34 -5.08
N SER A 68 16.66 -19.36 -5.08
CA SER A 68 17.98 -19.29 -4.49
C SER A 68 18.74 -18.09 -5.01
N ASP A 69 19.67 -17.57 -4.22
CA ASP A 69 20.47 -16.42 -4.64
C ASP A 69 21.58 -16.81 -5.59
N ASP A 70 21.96 -18.10 -5.55
CA ASP A 70 23.00 -18.66 -6.39
C ASP A 70 22.35 -19.40 -7.55
N ALA A 71 21.04 -19.54 -7.50
CA ALA A 71 20.28 -20.23 -8.54
C ALA A 71 20.98 -20.08 -9.90
N GLU A 72 20.94 -21.15 -10.70
CA GLU A 72 21.59 -21.15 -12.01
C GLU A 72 20.63 -20.95 -13.16
N ILE A 73 20.93 -19.96 -13.99
CA ILE A 73 20.10 -19.64 -15.15
C ILE A 73 20.75 -20.19 -16.44
N SER A 74 19.99 -20.92 -17.25
CA SER A 74 20.52 -21.48 -18.49
C SER A 74 19.46 -21.63 -19.58
N MET A 75 19.92 -22.10 -20.74
CA MET A 75 19.06 -22.34 -21.90
C MET A 75 18.61 -23.82 -21.83
N HIS A 76 17.30 -24.04 -21.71
CA HIS A 76 16.77 -25.41 -21.59
C HIS A 76 16.68 -26.13 -22.94
N THR A 77 16.44 -27.44 -22.92
CA THR A 77 16.36 -28.23 -24.14
C THR A 77 15.30 -27.77 -25.14
N ASP A 78 14.20 -27.19 -24.64
CA ASP A 78 13.14 -26.70 -25.51
C ASP A 78 13.32 -25.25 -26.00
N GLY A 79 14.46 -24.65 -25.70
CA GLY A 79 14.69 -23.30 -26.16
C GLY A 79 14.25 -22.20 -25.22
N ASN A 80 13.66 -22.57 -24.09
CA ASN A 80 13.23 -21.58 -23.12
C ASN A 80 14.29 -21.41 -22.05
N ILE A 81 14.00 -20.59 -21.05
CA ILE A 81 14.95 -20.36 -19.98
C ILE A 81 14.65 -21.28 -18.79
N LYS A 82 15.71 -21.90 -18.25
CA LYS A 82 15.60 -22.78 -17.09
C LYS A 82 16.34 -22.19 -15.89
N ILE A 83 15.63 -21.97 -14.79
CA ILE A 83 16.24 -21.42 -13.57
C ILE A 83 16.36 -22.60 -12.57
N ALA A 84 17.54 -23.22 -12.52
CA ALA A 84 17.77 -24.35 -11.63
C ALA A 84 17.94 -23.98 -10.18
N ASP A 85 17.06 -24.50 -9.32
CA ASP A 85 17.12 -24.22 -7.88
C ASP A 85 17.45 -25.49 -7.11
N THR A 86 17.69 -25.31 -5.81
CA THR A 86 18.04 -26.39 -4.89
C THR A 86 17.25 -27.70 -5.05
N ARG A 87 15.93 -27.63 -4.92
CA ARG A 87 15.06 -28.80 -5.06
C ARG A 87 14.00 -28.56 -6.11
N SER A 88 14.13 -27.46 -6.87
CA SER A 88 13.12 -27.15 -7.87
C SER A 88 13.67 -26.58 -9.15
N THR A 89 12.79 -26.44 -10.14
CA THR A 89 13.16 -25.89 -11.43
C THR A 89 12.06 -24.95 -11.92
N VAL A 90 12.47 -23.72 -12.27
CA VAL A 90 11.56 -22.69 -12.76
C VAL A 90 11.82 -22.45 -14.23
N TYR A 91 10.78 -22.47 -15.07
CA TYR A 91 11.01 -22.23 -16.48
C TYR A 91 10.47 -20.87 -16.86
N TRP A 92 11.09 -20.23 -17.84
CA TRP A 92 10.58 -18.93 -18.29
C TRP A 92 10.66 -18.87 -19.82
N PRO A 93 9.64 -18.25 -20.48
CA PRO A 93 9.61 -18.14 -21.94
C PRO A 93 10.71 -17.29 -22.55
N ALA A 94 11.36 -17.85 -23.56
CA ALA A 94 12.39 -17.10 -24.26
C ALA A 94 11.54 -16.46 -25.37
N ALA A 95 11.64 -15.15 -25.52
CA ALA A 95 10.85 -14.45 -26.53
C ALA A 95 11.49 -14.49 -27.91
N ASP A 96 10.68 -14.17 -28.90
CA ASP A 96 11.15 -14.12 -30.28
C ASP A 96 11.55 -12.65 -30.52
N LYS A 97 12.81 -12.38 -30.81
CA LYS A 97 13.30 -11.00 -31.02
C LYS A 97 12.35 -9.98 -31.67
N SER A 98 11.51 -10.44 -32.59
CA SER A 98 10.58 -9.58 -33.30
C SER A 98 9.51 -8.94 -32.42
N THR A 99 9.28 -9.51 -31.24
CA THR A 99 8.25 -8.96 -30.35
C THR A 99 8.79 -7.95 -29.36
N ILE A 100 10.05 -7.57 -29.53
CA ILE A 100 10.63 -6.60 -28.63
C ILE A 100 11.49 -5.62 -29.41
N VAL A 101 11.72 -4.46 -28.82
CA VAL A 101 12.56 -3.44 -29.43
C VAL A 101 13.88 -3.31 -28.71
N PHE A 102 14.98 -3.50 -29.43
CA PHE A 102 16.33 -3.42 -28.89
C PHE A 102 17.31 -2.78 -29.84
N PRO A 103 18.44 -2.28 -29.31
CA PRO A 103 19.50 -1.64 -30.11
C PRO A 103 20.34 -2.71 -30.84
N ASN A 104 20.81 -2.42 -32.04
CA ASN A 104 21.61 -3.40 -32.75
C ASN A 104 23.04 -3.22 -32.28
N LYS A 105 23.36 -1.96 -31.99
CA LYS A 105 24.70 -1.56 -31.54
C LYS A 105 24.55 -0.48 -30.47
N PRO A 106 25.56 -0.34 -29.59
CA PRO A 106 25.44 0.70 -28.57
C PRO A 106 25.64 2.11 -29.16
N ILE A 107 25.28 3.14 -28.41
CA ILE A 107 25.42 4.52 -28.89
C ILE A 107 26.82 5.06 -28.59
N GLN A 108 27.36 5.86 -29.50
CA GLN A 108 28.69 6.47 -29.35
C GLN A 108 28.47 7.97 -29.12
N PHE A 109 28.32 8.40 -27.87
CA PHE A 109 28.05 9.83 -27.63
C PHE A 109 29.15 10.75 -28.10
N PRO A 110 28.82 11.69 -29.00
CA PRO A 110 29.85 12.62 -29.50
C PRO A 110 30.53 13.38 -28.36
N VAL A 111 31.61 14.08 -28.67
CA VAL A 111 32.31 14.81 -27.63
C VAL A 111 31.42 15.89 -27.03
N ALA A 112 31.47 16.01 -25.72
CA ALA A 112 30.65 16.99 -25.02
C ALA A 112 30.87 18.46 -25.44
N SER A 113 29.76 19.13 -25.72
CA SER A 113 29.70 20.55 -26.08
C SER A 113 29.87 21.33 -24.76
N VAL A 114 29.16 20.89 -23.73
CA VAL A 114 29.25 21.50 -22.41
C VAL A 114 29.22 20.33 -21.45
N ILE A 115 29.88 20.47 -20.31
CA ILE A 115 29.92 19.41 -19.31
C ILE A 115 29.62 19.94 -17.93
N THR A 116 28.67 19.32 -17.24
CA THR A 116 28.30 19.75 -15.91
C THR A 116 27.98 18.49 -15.13
N GLU A 117 27.53 18.64 -13.90
CA GLU A 117 27.21 17.49 -13.06
C GLU A 117 26.04 17.77 -12.13
N ILE A 118 25.38 16.70 -11.68
CA ILE A 118 24.27 16.79 -10.74
C ILE A 118 24.46 15.70 -9.64
N LYS A 119 24.38 16.08 -8.36
CA LYS A 119 24.59 15.11 -7.27
C LYS A 119 23.35 14.32 -6.87
N ALA A 120 23.53 13.04 -6.58
CA ALA A 120 22.45 12.12 -6.20
C ALA A 120 21.28 12.77 -5.45
N GLU A 121 21.60 13.69 -4.55
CA GLU A 121 20.58 14.34 -3.75
C GLU A 121 19.77 15.43 -4.44
N ASP A 122 20.36 16.07 -5.45
CA ASP A 122 19.67 17.13 -6.20
C ASP A 122 18.75 16.49 -7.22
N LEU A 123 19.23 15.42 -7.84
CA LEU A 123 18.46 14.68 -8.83
C LEU A 123 17.23 14.11 -8.13
N GLN A 124 17.41 13.55 -6.93
CA GLN A 124 16.30 12.98 -6.18
C GLN A 124 15.23 14.03 -5.94
N GLN A 125 15.64 15.17 -5.41
CA GLN A 125 14.70 16.26 -5.16
C GLN A 125 14.04 16.75 -6.45
N LEU A 126 14.84 16.96 -7.49
CA LEU A 126 14.31 17.40 -8.78
C LEU A 126 13.21 16.46 -9.31
N LEU A 127 13.34 15.16 -9.03
CA LEU A 127 12.36 14.18 -9.49
C LEU A 127 11.11 14.18 -8.60
N ARG A 128 11.32 14.20 -7.28
CA ARG A 128 10.22 14.22 -6.31
C ARG A 128 9.40 15.51 -6.48
N VAL A 129 10.09 16.64 -6.43
CA VAL A 129 9.45 17.94 -6.55
C VAL A 129 8.79 18.21 -7.88
N SER A 130 9.27 17.58 -8.94
CA SER A 130 8.69 17.80 -10.26
C SER A 130 7.29 17.23 -10.34
N ARG A 131 7.16 15.99 -9.89
CA ARG A 131 5.88 15.31 -9.88
C ARG A 131 4.90 16.17 -9.10
N GLY A 132 5.40 16.81 -8.06
CA GLY A 132 4.57 17.69 -7.26
C GLY A 132 4.10 18.91 -8.03
N LEU A 133 5.05 19.76 -8.45
CA LEU A 133 4.73 20.99 -9.18
C LEU A 133 4.24 20.84 -10.62
N GLN A 134 3.70 19.69 -10.97
CA GLN A 134 3.20 19.50 -12.33
C GLN A 134 4.21 19.85 -13.41
N ILE A 135 5.46 19.42 -13.24
CA ILE A 135 6.49 19.69 -14.23
C ILE A 135 6.61 18.54 -15.23
N ASP A 136 6.59 18.87 -16.52
CA ASP A 136 6.68 17.86 -17.55
C ASP A 136 7.85 18.05 -18.52
N THR A 137 8.56 19.18 -18.39
CA THR A 137 9.72 19.53 -19.22
C THR A 137 10.70 20.45 -18.47
N ILE A 138 11.99 20.42 -18.82
CA ILE A 138 12.96 21.29 -18.17
C ILE A 138 13.88 21.95 -19.18
N ALA A 139 14.61 22.97 -18.73
CA ALA A 139 15.52 23.67 -19.61
C ALA A 139 16.83 23.90 -18.86
N ILE A 140 17.93 23.43 -19.45
CA ILE A 140 19.26 23.61 -18.87
C ILE A 140 19.86 24.77 -19.65
N THR A 141 20.01 25.91 -18.97
CA THR A 141 20.53 27.11 -19.58
C THR A 141 21.66 27.73 -18.79
N ASN A 142 22.43 28.59 -19.45
CA ASN A 142 23.53 29.29 -18.80
C ASN A 142 22.94 30.57 -18.23
N LYS A 143 23.38 30.95 -17.05
CA LYS A 143 22.84 32.15 -16.43
C LYS A 143 23.66 32.61 -15.24
N ASP A 144 24.18 33.83 -15.34
CA ASP A 144 24.99 34.43 -14.29
C ASP A 144 26.16 33.54 -13.89
N GLY A 145 26.97 33.19 -14.90
CA GLY A 145 28.14 32.36 -14.66
C GLY A 145 27.84 31.00 -14.06
N LYS A 146 26.66 30.48 -14.38
CA LYS A 146 26.24 29.18 -13.88
C LYS A 146 25.32 28.44 -14.87
N ILE A 147 25.20 27.13 -14.66
CA ILE A 147 24.34 26.27 -15.46
C ILE A 147 23.17 25.98 -14.53
N VAL A 148 21.96 26.33 -14.95
CA VAL A 148 20.82 26.09 -14.08
C VAL A 148 19.70 25.35 -14.79
N ILE A 149 18.85 24.69 -14.00
CA ILE A 149 17.72 23.95 -14.52
C ILE A 149 16.45 24.69 -14.12
N ASN A 150 15.55 24.87 -15.07
CA ASN A 150 14.28 25.51 -14.77
C ASN A 150 13.20 24.48 -15.03
N GLY A 151 12.25 24.34 -14.11
CA GLY A 151 11.18 23.38 -14.32
C GLY A 151 10.02 24.15 -14.91
N TYR A 152 9.30 23.54 -15.85
CA TYR A 152 8.17 24.22 -16.44
C TYR A 152 7.07 23.20 -16.65
N ASN A 153 5.84 23.68 -16.76
CA ASN A 153 4.69 22.82 -16.99
C ASN A 153 4.23 23.19 -18.38
N LYS A 154 4.84 22.60 -19.41
CA LYS A 154 4.52 22.94 -20.80
C LYS A 154 3.02 23.07 -21.10
N VAL A 155 2.19 22.41 -20.30
CA VAL A 155 0.75 22.47 -20.48
C VAL A 155 0.36 23.94 -20.53
N GLU A 156 0.54 24.64 -19.41
CA GLU A 156 0.17 26.06 -19.37
C GLU A 156 1.25 27.09 -19.71
N ASP A 157 2.47 26.61 -19.89
CA ASP A 157 3.61 27.46 -20.23
C ASP A 157 4.42 26.82 -21.36
N SER A 158 3.73 26.59 -22.48
CA SER A 158 4.32 25.99 -23.66
C SER A 158 5.54 26.82 -24.14
N GLY A 159 5.63 28.11 -23.79
CA GLY A 159 6.83 28.89 -24.17
C GLY A 159 7.99 28.68 -23.16
N LEU A 160 7.63 28.22 -21.97
CA LEU A 160 8.63 27.96 -20.95
C LEU A 160 9.20 29.29 -20.53
N THR A 161 8.36 30.13 -19.94
CA THR A 161 8.78 31.45 -19.51
C THR A 161 8.41 31.67 -18.05
N ARG A 162 7.66 30.74 -17.50
CA ARG A 162 7.27 30.84 -16.10
C ARG A 162 7.72 29.59 -15.37
N PRO A 163 8.99 29.55 -14.97
CA PRO A 163 9.52 28.39 -14.26
C PRO A 163 8.86 28.21 -12.89
N LYS A 164 8.54 26.96 -12.55
CA LYS A 164 7.93 26.65 -11.26
C LYS A 164 9.00 26.18 -10.28
N TYR A 165 10.14 25.74 -10.83
CA TYR A 165 11.27 25.26 -10.04
C TYR A 165 12.60 25.68 -10.66
N SER A 166 13.60 25.91 -9.82
CA SER A 166 14.91 26.32 -10.29
C SER A 166 16.04 25.72 -9.45
N LEU A 167 16.98 25.05 -10.12
CA LEU A 167 18.12 24.41 -9.46
C LEU A 167 19.46 24.82 -10.09
N THR A 168 20.36 25.40 -9.29
CA THR A 168 21.66 25.79 -9.79
C THR A 168 22.65 24.61 -9.74
N LEU A 169 23.25 24.29 -10.89
CA LEU A 169 24.19 23.18 -10.99
C LEU A 169 25.65 23.54 -10.74
N THR A 170 26.40 23.81 -11.80
CA THR A 170 27.82 24.15 -11.70
C THR A 170 28.14 25.53 -12.25
N ASP A 171 29.32 26.03 -11.93
CA ASP A 171 29.75 27.34 -12.43
C ASP A 171 29.98 27.23 -13.93
N TYR A 172 29.92 28.36 -14.63
CA TYR A 172 30.15 28.36 -16.07
C TYR A 172 30.66 29.72 -16.50
N ASP A 173 31.61 29.72 -17.42
CA ASP A 173 32.22 30.95 -17.91
C ASP A 173 32.28 30.96 -19.42
N GLY A 174 32.03 29.80 -20.03
CA GLY A 174 32.05 29.68 -21.48
C GLY A 174 31.39 30.82 -22.22
N SER A 175 31.78 30.98 -23.48
CA SER A 175 31.26 32.07 -24.29
C SER A 175 30.00 31.73 -25.06
N ASN A 176 29.52 30.51 -24.88
CA ASN A 176 28.31 30.05 -25.58
C ASN A 176 27.06 30.39 -24.78
N ASN A 177 25.91 30.13 -25.40
CA ASN A 177 24.59 30.35 -24.78
C ASN A 177 23.70 29.16 -25.18
N PHE A 178 22.77 28.79 -24.30
CA PHE A 178 21.93 27.63 -24.60
C PHE A 178 20.79 27.40 -23.61
N ASN A 179 19.72 26.79 -24.12
CA ASN A 179 18.55 26.43 -23.34
C ASN A 179 18.12 25.07 -23.91
N PHE A 180 18.70 24.02 -23.36
CA PHE A 180 18.43 22.65 -23.79
C PHE A 180 17.20 22.11 -23.09
N VAL A 181 16.16 21.80 -23.85
CA VAL A 181 14.93 21.29 -23.27
C VAL A 181 14.89 19.76 -23.25
N ILE A 182 14.53 19.20 -22.10
CA ILE A 182 14.45 17.75 -21.94
C ILE A 182 13.10 17.42 -21.39
N ASN A 183 12.41 16.51 -22.09
CA ASN A 183 11.07 16.05 -21.69
C ASN A 183 11.16 15.19 -20.43
N MET A 184 10.70 15.74 -19.32
CA MET A 184 10.76 15.05 -18.02
C MET A 184 10.38 13.58 -18.07
N ALA A 185 9.42 13.23 -18.92
CA ALA A 185 9.00 11.83 -19.02
C ALA A 185 10.17 10.87 -19.40
N ASN A 186 11.24 11.40 -19.99
CA ASN A 186 12.38 10.60 -20.43
C ASN A 186 13.48 10.49 -19.36
N MET A 187 13.26 11.14 -18.23
CA MET A 187 14.27 11.14 -17.17
C MET A 187 14.25 9.89 -16.28
N LYS A 188 14.13 8.71 -16.86
CA LYS A 188 14.09 7.48 -16.05
C LYS A 188 15.48 7.05 -15.53
N ILE A 189 16.16 7.98 -14.87
CA ILE A 189 17.50 7.80 -14.31
C ILE A 189 17.49 7.29 -12.87
N GLN A 190 18.15 6.15 -12.61
CA GLN A 190 18.20 5.61 -11.25
C GLN A 190 19.05 6.54 -10.40
N PRO A 191 18.80 6.56 -9.09
CA PRO A 191 19.58 7.44 -8.19
C PRO A 191 21.10 7.37 -8.31
N GLY A 192 21.76 8.48 -7.97
CA GLY A 192 23.20 8.54 -8.01
C GLY A 192 23.77 9.85 -8.53
N ASN A 193 25.09 10.00 -8.46
CA ASN A 193 25.79 11.20 -8.95
C ASN A 193 26.08 10.97 -10.43
N TYR A 194 25.67 11.91 -11.27
CA TYR A 194 25.90 11.80 -12.70
C TYR A 194 26.66 12.97 -13.32
N LYS A 195 27.56 12.64 -14.24
CA LYS A 195 28.32 13.64 -14.95
C LYS A 195 27.41 13.93 -16.14
N VAL A 196 27.01 15.18 -16.31
CA VAL A 196 26.12 15.53 -17.41
C VAL A 196 26.88 16.08 -18.59
N MET A 197 26.66 15.50 -19.77
CA MET A 197 27.30 15.97 -21.00
C MET A 197 26.24 16.42 -22.00
N LEU A 198 26.17 17.71 -22.25
CA LEU A 198 25.20 18.25 -23.18
C LEU A 198 25.88 18.46 -24.52
N TRP A 199 25.15 18.21 -25.61
CA TRP A 199 25.70 18.34 -26.94
C TRP A 199 24.75 18.96 -27.96
N GLY A 200 25.25 19.97 -28.67
CA GLY A 200 24.45 20.65 -29.68
C GLY A 200 25.21 20.71 -30.98
N ALA A 201 24.49 20.55 -32.07
CA ALA A 201 25.04 20.59 -33.42
C ALA A 201 23.87 20.83 -34.35
N GLY A 202 23.64 22.09 -34.68
CA GLY A 202 22.51 22.44 -35.51
C GLY A 202 21.22 22.02 -34.82
N ASP A 203 20.39 21.29 -35.54
CA ASP A 203 19.11 20.82 -35.01
C ASP A 203 19.26 19.57 -34.16
N LYS A 204 20.49 19.07 -34.09
CA LYS A 204 20.79 17.89 -33.30
C LYS A 204 21.25 18.23 -31.89
N VAL A 205 20.42 17.87 -30.91
CA VAL A 205 20.73 18.11 -29.51
C VAL A 205 20.49 16.84 -28.71
N ALA A 206 21.49 16.43 -27.93
CA ALA A 206 21.37 15.21 -27.14
C ALA A 206 22.09 15.32 -25.79
N ALA A 207 21.51 14.70 -24.78
CA ALA A 207 22.11 14.72 -23.44
C ALA A 207 22.52 13.32 -22.96
N LYS A 208 23.63 13.25 -22.23
CA LYS A 208 24.12 11.98 -21.70
C LYS A 208 24.49 12.05 -20.21
N PHE A 209 23.80 11.27 -19.39
CA PHE A 209 24.06 11.22 -17.96
C PHE A 209 24.92 9.99 -17.67
N GLU A 210 26.08 10.22 -17.07
CA GLU A 210 26.99 9.14 -16.78
C GLU A 210 27.28 8.99 -15.29
N SER A 211 27.28 7.76 -14.82
CA SER A 211 27.62 7.49 -13.43
C SER A 211 28.61 6.33 -13.46
N SER A 212 29.02 5.86 -12.29
CA SER A 212 29.97 4.76 -12.18
C SER A 212 29.33 3.41 -12.47
N GLN A 213 28.02 3.42 -12.62
CA GLN A 213 27.26 2.20 -12.87
C GLN A 213 26.53 2.11 -14.20
N VAL A 214 25.78 3.16 -14.51
CA VAL A 214 25.01 3.21 -15.75
C VAL A 214 25.31 4.50 -16.51
N SER A 215 24.70 4.61 -17.68
CA SER A 215 24.86 5.78 -18.53
C SER A 215 23.54 5.83 -19.29
N TYR A 216 23.00 7.02 -19.47
CA TYR A 216 21.75 7.19 -20.21
C TYR A 216 21.98 8.23 -21.28
N VAL A 217 21.51 7.93 -22.49
CA VAL A 217 21.59 8.89 -23.58
C VAL A 217 20.15 9.35 -23.82
N ILE A 218 19.93 10.66 -23.82
CA ILE A 218 18.59 11.21 -23.99
C ILE A 218 18.48 12.28 -25.06
N ALA A 219 17.48 12.14 -25.93
CA ALA A 219 17.24 13.10 -26.98
C ALA A 219 16.52 14.31 -26.38
N MET A 220 16.92 15.50 -26.82
CA MET A 220 16.32 16.74 -26.31
C MET A 220 15.33 17.35 -27.30
N GLU A 221 14.29 17.97 -26.76
CA GLU A 221 13.24 18.58 -27.57
C GLU A 221 13.77 19.67 -28.52
N ALA A 222 12.98 19.94 -29.57
CA ALA A 222 13.30 20.94 -30.59
C ALA A 222 13.29 22.38 -30.08
N ASP A 223 12.60 22.63 -28.96
CA ASP A 223 12.55 23.97 -28.40
C ASP A 223 13.98 24.46 -28.17
N SER A 224 14.86 23.50 -27.89
CA SER A 224 16.27 23.76 -27.61
C SER A 224 16.88 24.83 -28.48
N THR A 225 17.80 25.59 -27.89
CA THR A 225 18.49 26.67 -28.58
C THR A 225 19.94 26.68 -28.09
N HIS A 226 20.87 26.85 -29.00
CA HIS A 226 22.28 26.92 -28.62
C HIS A 226 23.08 27.51 -29.75
N ASP A 227 24.22 28.08 -29.41
CA ASP A 227 25.12 28.68 -30.37
C ASP A 227 26.45 27.91 -30.33
N PHE A 228 26.39 26.61 -30.58
CA PHE A 228 27.58 25.76 -30.58
C PHE A 228 28.07 25.44 -31.99
N MET B 1 -15.28 -15.60 26.85
CA MET B 1 -14.48 -16.16 25.73
C MET B 1 -13.34 -15.23 25.36
N LYS B 2 -12.23 -15.81 24.97
CA LYS B 2 -11.08 -15.01 24.57
C LYS B 2 -10.48 -15.62 23.30
N LEU B 3 -9.81 -14.80 22.49
CA LEU B 3 -9.19 -15.30 21.26
C LEU B 3 -7.78 -14.77 21.16
N SER B 4 -6.81 -15.68 21.16
CA SER B 4 -5.39 -15.32 21.10
C SER B 4 -4.94 -15.10 19.66
N LYS B 5 -3.78 -14.46 19.53
CA LYS B 5 -3.20 -14.16 18.24
C LYS B 5 -3.19 -15.40 17.37
N ASP B 6 -2.78 -16.52 17.96
CA ASP B 6 -2.74 -17.76 17.21
C ASP B 6 -4.10 -18.13 16.66
N THR B 7 -5.11 -18.11 17.52
CA THR B 7 -6.45 -18.43 17.08
C THR B 7 -6.91 -17.40 16.05
N ILE B 8 -6.66 -16.13 16.33
CA ILE B 8 -7.03 -15.05 15.41
C ILE B 8 -6.37 -15.22 14.03
N ALA B 9 -5.19 -15.83 14.02
CA ALA B 9 -4.45 -16.09 12.77
C ALA B 9 -5.17 -17.16 11.94
N ILE B 10 -5.33 -18.35 12.51
CA ILE B 10 -6.01 -19.43 11.83
C ILE B 10 -7.41 -19.00 11.39
N LEU B 11 -8.09 -18.19 12.19
CA LEU B 11 -9.41 -17.75 11.75
C LEU B 11 -9.30 -16.82 10.55
N LYS B 12 -8.30 -15.93 10.56
CA LYS B 12 -8.10 -14.99 9.46
C LYS B 12 -7.87 -15.77 8.16
N ASN B 13 -7.19 -16.91 8.27
CA ASN B 13 -6.94 -17.78 7.11
C ASN B 13 -8.32 -18.25 6.68
N PHE B 14 -9.03 -18.91 7.60
CA PHE B 14 -10.36 -19.41 7.30
C PHE B 14 -11.24 -18.37 6.64
N ALA B 15 -10.98 -17.10 6.96
CA ALA B 15 -11.75 -16.00 6.38
C ALA B 15 -11.55 -15.92 4.87
N SER B 16 -10.35 -16.29 4.40
CA SER B 16 -10.07 -16.25 2.98
C SER B 16 -10.66 -17.42 2.19
N ILE B 17 -11.10 -18.45 2.92
CA ILE B 17 -11.71 -19.60 2.27
C ILE B 17 -13.23 -19.39 2.21
N ASN B 18 -13.75 -18.65 3.19
CA ASN B 18 -15.16 -18.31 3.34
C ASN B 18 -15.20 -17.01 4.13
N SER B 19 -15.90 -16.01 3.62
CA SER B 19 -16.02 -14.70 4.30
C SER B 19 -16.74 -14.82 5.63
N GLY B 20 -17.66 -15.78 5.73
CA GLY B 20 -18.37 -16.03 6.96
C GLY B 20 -17.92 -17.31 7.65
N ILE B 21 -18.55 -17.64 8.77
CA ILE B 21 -18.18 -18.82 9.52
C ILE B 21 -19.11 -18.99 10.71
N LEU B 22 -19.27 -20.22 11.20
CA LEU B 22 -20.13 -20.48 12.37
C LEU B 22 -19.38 -21.11 13.55
N LEU B 23 -19.11 -20.32 14.59
CA LEU B 23 -18.40 -20.78 15.79
C LEU B 23 -19.30 -21.58 16.73
N SER B 24 -18.86 -22.79 17.09
CA SER B 24 -19.62 -23.66 17.97
C SER B 24 -18.88 -24.01 19.25
N GLN B 25 -19.57 -23.94 20.37
CA GLN B 25 -18.94 -24.23 21.64
C GLN B 25 -17.95 -25.39 21.60
N GLY B 26 -16.74 -25.12 22.08
CA GLY B 26 -15.69 -26.12 22.10
C GLY B 26 -14.33 -25.51 21.84
N LYS B 27 -13.38 -26.33 21.41
CA LYS B 27 -12.05 -25.83 21.09
C LYS B 27 -11.73 -26.34 19.69
N PHE B 28 -12.78 -26.48 18.90
CA PHE B 28 -12.65 -26.93 17.53
C PHE B 28 -13.37 -25.95 16.63
N ILE B 29 -12.78 -25.67 15.47
CA ILE B 29 -13.36 -24.79 14.46
C ILE B 29 -13.19 -25.46 13.10
N MET B 30 -14.09 -25.15 12.16
CA MET B 30 -14.04 -25.70 10.83
C MET B 30 -14.81 -24.79 9.88
N THR B 31 -14.63 -25.00 8.59
CA THR B 31 -15.30 -24.20 7.56
C THR B 31 -15.19 -24.86 6.21
N ARG B 32 -15.85 -24.29 5.21
CA ARG B 32 -15.75 -24.83 3.87
C ARG B 32 -16.13 -23.74 2.89
N ALA B 33 -15.37 -23.64 1.82
CA ALA B 33 -15.62 -22.64 0.78
C ALA B 33 -17.05 -22.76 0.25
N VAL B 34 -17.64 -21.65 -0.17
CA VAL B 34 -18.98 -21.70 -0.72
C VAL B 34 -19.06 -22.62 -1.95
N ASN B 35 -18.04 -22.61 -2.82
CA ASN B 35 -18.04 -23.44 -4.03
C ASN B 35 -17.87 -24.93 -3.77
N GLY B 36 -17.70 -25.29 -2.51
CA GLY B 36 -17.59 -26.68 -2.09
C GLY B 36 -16.36 -27.47 -2.50
N THR B 37 -15.23 -26.78 -2.65
CA THR B 37 -13.97 -27.41 -3.04
C THR B 37 -13.03 -27.60 -1.87
N THR B 38 -12.93 -26.59 -1.03
CA THR B 38 -12.04 -26.66 0.12
C THR B 38 -12.77 -26.82 1.45
N TYR B 39 -12.17 -27.57 2.36
CA TYR B 39 -12.71 -27.78 3.71
C TYR B 39 -11.56 -27.49 4.66
N ALA B 40 -11.79 -26.69 5.70
CA ALA B 40 -10.71 -26.43 6.65
C ALA B 40 -11.16 -26.73 8.07
N GLU B 41 -10.25 -27.21 8.91
CA GLU B 41 -10.59 -27.48 10.29
C GLU B 41 -9.33 -27.37 11.08
N ALA B 42 -9.48 -26.99 12.33
CA ALA B 42 -8.34 -26.85 13.20
C ALA B 42 -8.76 -26.92 14.65
N ASN B 43 -7.83 -27.31 15.50
CA ASN B 43 -8.07 -27.37 16.93
C ASN B 43 -7.33 -26.16 17.51
N ILE B 44 -8.02 -25.40 18.35
CA ILE B 44 -7.44 -24.19 18.92
C ILE B 44 -7.26 -24.28 20.43
N SER B 45 -6.50 -23.36 21.00
CA SER B 45 -6.27 -23.35 22.45
C SER B 45 -7.40 -22.68 23.21
N ASP B 46 -8.04 -21.70 22.59
CA ASP B 46 -9.12 -20.95 23.22
C ASP B 46 -10.44 -21.69 23.25
N GLU B 47 -11.15 -21.63 24.37
CA GLU B 47 -12.43 -22.33 24.38
C GLU B 47 -13.56 -21.39 24.00
N ILE B 48 -14.37 -21.82 23.05
CA ILE B 48 -15.49 -21.06 22.57
C ILE B 48 -16.64 -21.37 23.52
N ASP B 49 -17.10 -20.38 24.28
CA ASP B 49 -18.18 -20.62 25.24
C ASP B 49 -19.62 -20.26 24.83
N PHE B 50 -19.85 -19.98 23.57
CA PHE B 50 -21.21 -19.70 23.11
C PHE B 50 -21.26 -19.82 21.61
N ASP B 51 -22.38 -20.30 21.09
CA ASP B 51 -22.53 -20.49 19.66
C ASP B 51 -23.01 -19.22 18.95
N VAL B 52 -22.30 -18.81 17.91
CA VAL B 52 -22.63 -17.61 17.14
C VAL B 52 -22.14 -17.72 15.70
N ALA B 53 -22.82 -17.04 14.78
CA ALA B 53 -22.44 -17.04 13.36
C ALA B 53 -21.94 -15.64 12.95
N LEU B 54 -20.84 -15.57 12.20
CA LEU B 54 -20.30 -14.29 11.74
C LEU B 54 -20.51 -14.14 10.23
N TYR B 55 -21.00 -13.00 9.78
CA TYR B 55 -21.21 -12.84 8.34
C TYR B 55 -19.93 -12.35 7.66
N ASP B 56 -19.18 -11.54 8.38
CA ASP B 56 -17.94 -10.95 7.88
C ASP B 56 -16.83 -11.26 8.87
N LEU B 57 -16.27 -12.47 8.80
CA LEU B 57 -15.21 -12.92 9.72
C LEU B 57 -13.97 -12.08 9.73
N ASN B 58 -13.52 -11.72 8.54
CA ASN B 58 -12.33 -10.90 8.40
C ASN B 58 -12.47 -9.52 9.06
N SER B 59 -13.56 -8.79 8.78
CA SER B 59 -13.75 -7.47 9.41
C SER B 59 -13.81 -7.53 10.95
N PHE B 60 -14.47 -8.56 11.48
CA PHE B 60 -14.60 -8.77 12.92
C PHE B 60 -13.20 -8.86 13.55
N LEU B 61 -12.37 -9.76 13.01
CA LEU B 61 -11.01 -9.97 13.48
C LEU B 61 -10.19 -8.65 13.46
N SER B 62 -10.42 -7.81 12.46
CA SER B 62 -9.68 -6.55 12.40
C SER B 62 -10.11 -5.60 13.53
N ILE B 63 -11.37 -5.67 13.91
CA ILE B 63 -11.86 -4.85 15.00
C ILE B 63 -11.24 -5.32 16.32
N LEU B 64 -10.87 -6.61 16.40
CA LEU B 64 -10.27 -7.13 17.63
C LEU B 64 -8.93 -6.50 17.92
N SER B 65 -8.22 -6.18 16.84
CA SER B 65 -6.90 -5.57 16.91
C SER B 65 -6.99 -4.17 17.49
N LEU B 66 -8.18 -3.59 17.44
CA LEU B 66 -8.41 -2.24 17.97
C LEU B 66 -8.73 -2.18 19.44
N VAL B 67 -8.77 -3.34 20.10
CA VAL B 67 -9.05 -3.44 21.53
C VAL B 67 -8.02 -4.27 22.26
N SER B 68 -8.08 -4.23 23.59
CA SER B 68 -7.17 -4.96 24.46
C SER B 68 -6.96 -6.41 24.02
N ASP B 69 -5.91 -7.05 24.52
CA ASP B 69 -5.62 -8.43 24.18
C ASP B 69 -6.45 -9.42 25.00
N ASP B 70 -6.88 -9.00 26.19
CA ASP B 70 -7.65 -9.86 27.07
C ASP B 70 -9.13 -9.55 26.96
N ALA B 71 -9.49 -8.66 26.02
CA ALA B 71 -10.87 -8.28 25.81
C ALA B 71 -11.77 -9.50 25.88
N GLU B 72 -12.89 -9.38 26.59
CA GLU B 72 -13.84 -10.47 26.72
C GLU B 72 -14.91 -10.41 25.62
N ILE B 73 -15.12 -11.53 24.95
CA ILE B 73 -16.13 -11.59 23.91
C ILE B 73 -17.32 -12.37 24.44
N SER B 74 -18.52 -11.84 24.23
CA SER B 74 -19.70 -12.52 24.74
C SER B 74 -20.97 -12.17 23.99
N MET B 75 -22.03 -12.92 24.28
CA MET B 75 -23.33 -12.68 23.69
C MET B 75 -23.97 -11.51 24.48
N HIS B 76 -24.45 -10.49 23.77
CA HIS B 76 -25.06 -9.31 24.42
C HIS B 76 -26.57 -9.46 24.61
N THR B 77 -27.13 -8.66 25.52
CA THR B 77 -28.55 -8.75 25.81
C THR B 77 -29.43 -8.69 24.58
N ASP B 78 -28.93 -8.12 23.49
CA ASP B 78 -29.76 -8.03 22.31
C ASP B 78 -29.56 -9.18 21.35
N GLY B 79 -28.59 -10.05 21.66
CA GLY B 79 -28.32 -11.20 20.80
C GLY B 79 -27.07 -11.07 19.95
N ASN B 80 -26.54 -9.86 19.90
CA ASN B 80 -25.36 -9.58 19.14
C ASN B 80 -24.12 -9.82 19.96
N ILE B 81 -22.97 -9.50 19.38
CA ILE B 81 -21.71 -9.73 20.06
C ILE B 81 -21.17 -8.54 20.87
N LYS B 82 -20.72 -8.82 22.10
CA LYS B 82 -20.17 -7.80 22.98
C LYS B 82 -18.68 -8.00 23.26
N ILE B 83 -17.84 -7.07 22.81
CA ILE B 83 -16.40 -7.17 23.02
C ILE B 83 -15.98 -6.22 24.13
N ALA B 84 -15.90 -6.71 25.35
CA ALA B 84 -15.54 -5.87 26.49
C ALA B 84 -14.08 -5.49 26.60
N ASP B 85 -13.80 -4.20 26.45
CA ASP B 85 -12.43 -3.72 26.53
C ASP B 85 -12.25 -3.17 27.94
N THR B 86 -11.16 -2.44 28.18
CA THR B 86 -10.90 -1.93 29.52
C THR B 86 -11.81 -0.78 29.94
N ARG B 87 -11.89 0.28 29.13
CA ARG B 87 -12.76 1.41 29.47
C ARG B 87 -13.87 1.54 28.44
N SER B 88 -13.95 0.60 27.50
CA SER B 88 -14.97 0.70 26.49
C SER B 88 -15.62 -0.60 26.12
N THR B 89 -16.60 -0.51 25.23
CA THR B 89 -17.34 -1.66 24.74
C THR B 89 -17.55 -1.56 23.24
N VAL B 90 -17.31 -2.66 22.54
CA VAL B 90 -17.50 -2.69 21.11
C VAL B 90 -18.58 -3.73 20.90
N TYR B 91 -19.48 -3.46 19.97
CA TYR B 91 -20.56 -4.38 19.67
C TYR B 91 -20.44 -4.80 18.20
N TRP B 92 -20.76 -6.06 17.94
CA TRP B 92 -20.67 -6.58 16.58
C TRP B 92 -21.92 -7.39 16.34
N PRO B 93 -22.44 -7.33 15.11
CA PRO B 93 -23.64 -8.05 14.71
C PRO B 93 -23.47 -9.57 14.67
N ALA B 94 -24.46 -10.29 15.22
CA ALA B 94 -24.45 -11.73 15.20
C ALA B 94 -25.27 -12.12 13.99
N ALA B 95 -24.65 -12.82 13.04
CA ALA B 95 -25.33 -13.19 11.81
C ALA B 95 -26.42 -14.24 11.94
N ASP B 96 -27.31 -14.29 10.95
CA ASP B 96 -28.38 -15.28 10.92
C ASP B 96 -27.91 -16.47 10.08
N LYS B 97 -27.63 -17.60 10.72
CA LYS B 97 -27.15 -18.81 10.03
C LYS B 97 -27.52 -18.92 8.54
N SER B 98 -28.72 -18.50 8.17
CA SER B 98 -29.16 -18.60 6.78
C SER B 98 -28.40 -17.70 5.81
N THR B 99 -27.66 -16.74 6.33
CA THR B 99 -26.91 -15.79 5.52
C THR B 99 -25.45 -16.16 5.31
N ILE B 100 -25.06 -17.35 5.76
CA ILE B 100 -23.70 -17.85 5.58
C ILE B 100 -23.77 -19.34 5.24
N VAL B 101 -22.64 -19.88 4.82
CA VAL B 101 -22.54 -21.28 4.43
C VAL B 101 -21.59 -21.93 5.42
N PHE B 102 -21.93 -23.12 5.90
CA PHE B 102 -21.07 -23.82 6.85
C PHE B 102 -21.28 -25.35 6.84
N PRO B 103 -20.29 -26.12 7.32
CA PRO B 103 -20.38 -27.59 7.39
C PRO B 103 -21.25 -28.03 8.56
N ASN B 104 -22.05 -29.08 8.38
CA ASN B 104 -22.92 -29.57 9.47
C ASN B 104 -22.13 -30.52 10.35
N LYS B 105 -21.18 -31.21 9.73
CA LYS B 105 -20.32 -32.17 10.40
C LYS B 105 -18.96 -32.12 9.70
N PRO B 106 -17.86 -32.44 10.41
CA PRO B 106 -16.54 -32.41 9.79
C PRO B 106 -16.37 -33.51 8.74
N ILE B 107 -15.24 -33.47 8.05
CA ILE B 107 -14.94 -34.44 7.01
C ILE B 107 -14.06 -35.53 7.58
N GLN B 108 -14.41 -36.77 7.25
CA GLN B 108 -13.68 -37.96 7.68
C GLN B 108 -12.81 -38.42 6.50
N PHE B 109 -11.56 -37.96 6.41
CA PHE B 109 -10.75 -38.37 5.27
C PHE B 109 -10.46 -39.87 5.29
N PRO B 110 -10.46 -40.52 4.10
CA PRO B 110 -10.20 -41.96 3.99
C PRO B 110 -8.72 -42.20 4.09
N VAL B 111 -8.31 -43.45 4.28
CA VAL B 111 -6.86 -43.75 4.37
C VAL B 111 -6.26 -43.41 3.01
N ALA B 112 -5.19 -42.61 3.03
CA ALA B 112 -4.54 -42.17 1.80
C ALA B 112 -4.00 -43.25 0.89
N SER B 113 -4.10 -43.00 -0.41
CA SER B 113 -3.59 -43.91 -1.43
C SER B 113 -2.07 -43.74 -1.49
N VAL B 114 -1.62 -42.49 -1.30
CA VAL B 114 -0.20 -42.10 -1.31
C VAL B 114 0.02 -41.07 -0.21
N ILE B 115 1.18 -41.15 0.44
CA ILE B 115 1.54 -40.22 1.51
C ILE B 115 2.91 -39.62 1.24
N THR B 116 3.00 -38.30 1.34
CA THR B 116 4.24 -37.56 1.10
C THR B 116 4.20 -36.31 2.01
N GLU B 117 5.11 -35.38 1.82
CA GLU B 117 5.09 -34.17 2.64
C GLU B 117 5.71 -33.01 1.89
N ILE B 118 5.39 -31.81 2.34
CA ILE B 118 5.93 -30.60 1.74
C ILE B 118 6.35 -29.63 2.85
N LYS B 119 7.60 -29.20 2.83
CA LYS B 119 8.12 -28.29 3.84
C LYS B 119 7.73 -26.82 3.65
N ALA B 120 7.54 -26.11 4.76
CA ALA B 120 7.16 -24.70 4.77
C ALA B 120 7.77 -23.90 3.65
N GLU B 121 9.08 -23.98 3.52
CA GLU B 121 9.79 -23.24 2.50
C GLU B 121 9.38 -23.58 1.07
N ASP B 122 9.22 -24.86 0.77
CA ASP B 122 8.83 -25.27 -0.58
C ASP B 122 7.42 -24.80 -0.90
N LEU B 123 6.53 -24.98 0.07
CA LEU B 123 5.13 -24.57 -0.06
C LEU B 123 5.02 -23.10 -0.38
N GLN B 124 5.79 -22.30 0.36
CA GLN B 124 5.81 -20.88 0.14
C GLN B 124 6.32 -20.59 -1.26
N GLN B 125 7.45 -21.18 -1.65
CA GLN B 125 7.95 -20.91 -3.00
C GLN B 125 6.92 -21.29 -4.06
N LEU B 126 6.24 -22.42 -3.85
CA LEU B 126 5.22 -22.91 -4.79
C LEU B 126 4.14 -21.83 -5.03
N LEU B 127 3.60 -21.31 -3.94
CA LEU B 127 2.57 -20.27 -4.00
C LEU B 127 3.09 -18.97 -4.61
N ARG B 128 4.17 -18.43 -4.06
CA ARG B 128 4.75 -17.19 -4.59
C ARG B 128 4.87 -17.32 -6.11
N VAL B 129 5.63 -18.33 -6.56
CA VAL B 129 5.85 -18.55 -7.98
C VAL B 129 4.54 -18.55 -8.72
N SER B 130 3.78 -19.62 -8.55
CA SER B 130 2.48 -19.78 -9.21
C SER B 130 1.79 -18.48 -9.62
N ARG B 131 1.76 -17.50 -8.73
CA ARG B 131 1.15 -16.21 -9.07
C ARG B 131 1.97 -15.49 -10.16
N GLY B 132 3.30 -15.58 -10.07
CA GLY B 132 4.17 -14.96 -11.05
C GLY B 132 4.04 -15.59 -12.43
N LEU B 133 4.21 -16.92 -12.50
CA LEU B 133 4.12 -17.70 -13.74
C LEU B 133 2.71 -18.01 -14.22
N GLN B 134 1.71 -17.50 -13.50
CA GLN B 134 0.30 -17.72 -13.83
C GLN B 134 0.00 -19.22 -13.88
N ILE B 135 0.36 -19.90 -12.80
CA ILE B 135 0.13 -21.32 -12.71
C ILE B 135 -1.24 -21.53 -12.06
N ASP B 136 -2.21 -21.97 -12.87
CA ASP B 136 -3.56 -22.19 -12.38
C ASP B 136 -3.81 -23.63 -11.95
N THR B 137 -2.89 -24.52 -12.31
CA THR B 137 -3.01 -25.92 -11.96
C THR B 137 -1.65 -26.54 -11.68
N ILE B 138 -1.63 -27.51 -10.76
CA ILE B 138 -0.41 -28.23 -10.43
C ILE B 138 -0.83 -29.70 -10.45
N ALA B 139 0.13 -30.59 -10.65
CA ALA B 139 -0.15 -32.02 -10.68
C ALA B 139 0.93 -32.76 -9.92
N ILE B 140 0.52 -33.46 -8.86
CA ILE B 140 1.44 -34.23 -8.03
C ILE B 140 1.52 -35.61 -8.66
N THR B 141 2.73 -36.13 -8.83
CA THR B 141 2.90 -37.42 -9.47
C THR B 141 4.21 -38.11 -9.07
N ASN B 142 4.31 -39.39 -9.44
CA ASN B 142 5.50 -40.20 -9.15
C ASN B 142 6.39 -40.32 -10.39
N LYS B 143 7.67 -39.99 -10.22
CA LYS B 143 8.62 -40.05 -11.32
C LYS B 143 9.97 -40.55 -10.83
N ASP B 144 10.36 -41.72 -11.29
CA ASP B 144 11.63 -42.29 -10.91
C ASP B 144 11.78 -42.34 -9.40
N GLY B 145 10.91 -43.11 -8.77
CA GLY B 145 10.94 -43.28 -7.32
C GLY B 145 10.75 -42.06 -6.45
N LYS B 146 10.32 -40.94 -7.04
CA LYS B 146 10.13 -39.72 -6.28
C LYS B 146 8.83 -39.01 -6.59
N ILE B 147 8.31 -38.30 -5.61
CA ILE B 147 7.08 -37.53 -5.75
C ILE B 147 7.45 -36.11 -6.16
N VAL B 148 6.90 -35.62 -7.28
CA VAL B 148 7.21 -34.25 -7.67
C VAL B 148 5.92 -33.51 -7.99
N ILE B 149 5.97 -32.18 -7.94
CA ILE B 149 4.81 -31.35 -8.25
C ILE B 149 5.14 -30.60 -9.52
N ASN B 150 4.25 -30.68 -10.50
CA ASN B 150 4.47 -29.99 -11.77
C ASN B 150 3.40 -28.93 -11.93
N GLY B 151 3.82 -27.69 -12.14
CA GLY B 151 2.88 -26.59 -12.31
C GLY B 151 2.63 -26.18 -13.75
N TYR B 152 1.36 -26.09 -14.13
CA TYR B 152 1.00 -25.71 -15.49
C TYR B 152 0.02 -24.54 -15.53
N ASN B 153 -0.38 -24.17 -16.74
CA ASN B 153 -1.36 -23.12 -16.95
C ASN B 153 -2.32 -23.81 -17.88
N LYS B 154 -3.29 -24.47 -17.28
CA LYS B 154 -4.28 -25.23 -18.00
C LYS B 154 -4.98 -24.48 -19.14
N VAL B 155 -5.15 -23.16 -19.01
CA VAL B 155 -5.82 -22.38 -20.06
C VAL B 155 -5.14 -22.57 -21.41
N GLU B 156 -3.82 -22.39 -21.42
CA GLU B 156 -3.03 -22.53 -22.64
C GLU B 156 -2.53 -23.95 -22.88
N ASP B 157 -2.27 -24.67 -21.79
CA ASP B 157 -1.80 -26.05 -21.88
C ASP B 157 -2.81 -26.99 -21.19
N SER B 158 -3.91 -27.23 -21.88
CA SER B 158 -4.99 -28.08 -21.37
C SER B 158 -4.54 -29.52 -21.07
N GLY B 159 -3.49 -29.97 -21.75
CA GLY B 159 -3.03 -31.32 -21.51
C GLY B 159 -2.04 -31.44 -20.36
N LEU B 160 -1.80 -30.35 -19.63
CA LEU B 160 -0.86 -30.38 -18.51
C LEU B 160 0.39 -31.10 -19.01
N THR B 161 0.82 -30.78 -20.23
CA THR B 161 1.97 -31.44 -20.84
C THR B 161 3.22 -30.57 -20.78
N ARG B 162 3.03 -29.26 -20.69
CA ARG B 162 4.15 -28.31 -20.64
C ARG B 162 4.23 -27.57 -19.31
N PRO B 163 5.04 -28.09 -18.39
CA PRO B 163 5.28 -27.56 -17.05
C PRO B 163 6.14 -26.29 -16.94
N LYS B 164 5.64 -25.33 -16.16
CA LYS B 164 6.31 -24.05 -15.96
C LYS B 164 7.10 -24.07 -14.65
N TYR B 165 6.71 -24.94 -13.73
CA TYR B 165 7.40 -25.07 -12.45
C TYR B 165 7.49 -26.56 -12.10
N SER B 166 8.51 -26.93 -11.31
CA SER B 166 8.68 -28.33 -10.94
C SER B 166 9.44 -28.52 -9.63
N LEU B 167 8.71 -29.00 -8.62
CA LEU B 167 9.23 -29.23 -7.29
C LEU B 167 9.30 -30.69 -6.89
N THR B 168 10.46 -31.15 -6.45
CA THR B 168 10.65 -32.53 -6.03
C THR B 168 10.46 -32.70 -4.48
N LEU B 169 9.44 -33.47 -4.04
CA LEU B 169 9.07 -33.76 -2.63
C LEU B 169 9.80 -34.92 -1.91
N THR B 170 9.14 -36.09 -1.87
CA THR B 170 9.68 -37.27 -1.27
C THR B 170 9.80 -38.45 -2.17
N ASP B 171 10.41 -39.47 -1.60
CA ASP B 171 10.64 -40.71 -2.33
C ASP B 171 9.32 -41.42 -2.33
N TYR B 172 9.11 -42.22 -3.35
CA TYR B 172 7.90 -43.02 -3.48
C TYR B 172 8.29 -44.49 -3.59
N ASP B 173 8.03 -45.25 -2.53
CA ASP B 173 8.37 -46.66 -2.50
C ASP B 173 7.21 -47.53 -2.97
N GLY B 174 6.15 -46.91 -3.46
CA GLY B 174 5.00 -47.64 -3.92
C GLY B 174 5.27 -48.16 -5.32
N SER B 175 4.25 -48.66 -6.00
CA SER B 175 4.42 -49.19 -7.34
C SER B 175 3.27 -48.79 -8.28
N ASN B 176 2.50 -47.80 -7.86
CA ASN B 176 1.37 -47.31 -8.65
C ASN B 176 1.79 -46.12 -9.50
N ASN B 177 0.84 -45.61 -10.26
CA ASN B 177 1.09 -44.47 -11.11
C ASN B 177 -0.11 -43.55 -10.99
N PHE B 178 0.16 -42.26 -10.87
CA PHE B 178 -0.90 -41.28 -10.73
C PHE B 178 -0.47 -39.87 -11.09
N ASN B 179 -1.46 -39.07 -11.49
CA ASN B 179 -1.24 -37.69 -11.85
C ASN B 179 -2.44 -36.96 -11.26
N PHE B 180 -2.28 -36.53 -10.01
CA PHE B 180 -3.34 -35.83 -9.29
C PHE B 180 -3.29 -34.34 -9.57
N VAL B 181 -4.37 -33.85 -10.17
CA VAL B 181 -4.47 -32.45 -10.53
C VAL B 181 -5.28 -31.64 -9.52
N ILE B 182 -4.67 -30.58 -8.99
CA ILE B 182 -5.29 -29.68 -8.03
C ILE B 182 -5.37 -28.25 -8.60
N ASN B 183 -6.52 -27.61 -8.52
CA ASN B 183 -6.63 -26.26 -9.05
C ASN B 183 -6.00 -25.34 -8.02
N MET B 184 -5.02 -24.54 -8.45
CA MET B 184 -4.30 -23.61 -7.56
C MET B 184 -5.19 -22.62 -6.81
N ALA B 185 -6.34 -22.29 -7.39
CA ALA B 185 -7.28 -21.39 -6.76
C ALA B 185 -7.72 -21.95 -5.42
N ASN B 186 -7.70 -23.27 -5.25
CA ASN B 186 -8.14 -23.86 -3.97
C ASN B 186 -7.06 -24.05 -2.91
N MET B 187 -5.82 -23.67 -3.27
CA MET B 187 -4.66 -23.82 -2.37
C MET B 187 -4.48 -22.72 -1.32
N LYS B 188 -5.58 -22.35 -0.66
CA LYS B 188 -5.56 -21.32 0.37
C LYS B 188 -5.08 -21.84 1.72
N ILE B 189 -3.91 -22.48 1.70
CA ILE B 189 -3.26 -23.07 2.87
C ILE B 189 -2.38 -22.05 3.59
N GLN B 190 -2.42 -22.02 4.92
CA GLN B 190 -1.56 -21.06 5.63
C GLN B 190 -0.16 -21.69 5.65
N PRO B 191 0.87 -20.86 5.80
CA PRO B 191 2.23 -21.43 5.82
C PRO B 191 2.48 -22.45 6.96
N GLY B 192 3.46 -23.34 6.72
CA GLY B 192 3.82 -24.36 7.69
C GLY B 192 4.22 -25.65 6.99
N ASN B 193 4.61 -26.67 7.76
CA ASN B 193 4.99 -27.96 7.18
C ASN B 193 3.78 -28.86 7.20
N TYR B 194 3.47 -29.45 6.05
CA TYR B 194 2.32 -30.31 5.95
C TYR B 194 2.56 -31.72 5.50
N LYS B 195 1.75 -32.61 6.05
CA LYS B 195 1.77 -34.01 5.71
C LYS B 195 0.79 -34.06 4.57
N VAL B 196 1.19 -34.64 3.43
CA VAL B 196 0.29 -34.69 2.27
C VAL B 196 -0.29 -36.09 2.04
N MET B 197 -1.62 -36.18 2.00
CA MET B 197 -2.31 -37.45 1.77
C MET B 197 -3.21 -37.36 0.57
N LEU B 198 -2.84 -38.08 -0.49
CA LEU B 198 -3.61 -38.07 -1.73
C LEU B 198 -4.38 -39.37 -1.74
N TRP B 199 -5.65 -39.31 -2.17
CA TRP B 199 -6.49 -40.50 -2.21
C TRP B 199 -7.19 -40.71 -3.55
N GLY B 200 -7.22 -41.95 -4.02
CA GLY B 200 -7.88 -42.23 -5.29
C GLY B 200 -8.77 -43.47 -5.28
N ALA B 201 -9.98 -43.34 -5.83
CA ALA B 201 -10.94 -44.45 -5.91
C ALA B 201 -11.87 -44.12 -7.08
N GLY B 202 -11.58 -44.69 -8.24
CA GLY B 202 -12.39 -44.42 -9.40
C GLY B 202 -12.34 -42.94 -9.70
N ASP B 203 -13.49 -42.35 -10.01
CA ASP B 203 -13.55 -40.94 -10.29
C ASP B 203 -13.27 -40.09 -9.07
N LYS B 204 -13.37 -40.69 -7.89
CA LYS B 204 -13.17 -39.96 -6.65
C LYS B 204 -11.71 -39.69 -6.26
N VAL B 205 -11.31 -38.42 -6.34
CA VAL B 205 -9.95 -37.99 -5.97
C VAL B 205 -10.00 -36.77 -5.05
N ALA B 206 -9.22 -36.82 -3.99
CA ALA B 206 -9.19 -35.74 -3.02
C ALA B 206 -7.86 -35.74 -2.29
N ALA B 207 -7.38 -34.55 -1.94
CA ALA B 207 -6.11 -34.42 -1.22
C ALA B 207 -6.35 -33.87 0.17
N LYS B 208 -5.46 -34.19 1.10
CA LYS B 208 -5.60 -33.69 2.45
C LYS B 208 -4.24 -33.19 2.90
N PHE B 209 -4.18 -31.91 3.28
CA PHE B 209 -2.95 -31.27 3.76
C PHE B 209 -3.08 -31.17 5.26
N GLU B 210 -2.11 -31.68 6.00
CA GLU B 210 -2.22 -31.66 7.46
C GLU B 210 -0.96 -31.29 8.22
N SER B 211 -1.11 -30.23 9.01
CA SER B 211 -0.04 -29.69 9.83
C SER B 211 -0.43 -29.94 11.28
N SER B 212 0.44 -29.55 12.21
CA SER B 212 0.15 -29.73 13.63
C SER B 212 -0.95 -28.79 14.11
N GLN B 213 -1.31 -27.81 13.29
CA GLN B 213 -2.35 -26.86 13.67
C GLN B 213 -3.67 -27.11 12.93
N VAL B 214 -3.62 -26.90 11.61
CA VAL B 214 -4.76 -27.02 10.70
C VAL B 214 -4.67 -28.23 9.76
N SER B 215 -5.80 -28.50 9.11
CA SER B 215 -5.96 -29.59 8.17
C SER B 215 -6.86 -29.06 7.07
N TYR B 216 -6.50 -29.30 5.81
CA TYR B 216 -7.35 -28.86 4.71
C TYR B 216 -7.71 -30.09 3.89
N VAL B 217 -8.91 -30.12 3.31
CA VAL B 217 -9.27 -31.25 2.45
C VAL B 217 -9.70 -30.59 1.15
N ILE B 218 -9.06 -30.96 0.06
CA ILE B 218 -9.32 -30.38 -1.24
C ILE B 218 -9.74 -31.40 -2.30
N ALA B 219 -10.79 -31.08 -3.04
CA ALA B 219 -11.28 -31.96 -4.08
C ALA B 219 -10.32 -31.80 -5.25
N MET B 220 -9.95 -32.90 -5.87
CA MET B 220 -9.05 -32.81 -7.00
C MET B 220 -9.75 -32.86 -8.36
N GLU B 221 -9.18 -32.17 -9.35
CA GLU B 221 -9.80 -32.12 -10.68
C GLU B 221 -10.00 -33.47 -11.40
N ALA B 222 -10.94 -33.47 -12.35
CA ALA B 222 -11.29 -34.63 -13.16
C ALA B 222 -10.17 -35.09 -14.06
N ASP B 223 -9.19 -34.23 -14.30
CA ASP B 223 -8.07 -34.59 -15.16
C ASP B 223 -7.28 -35.71 -14.51
N SER B 224 -7.30 -35.76 -13.20
CA SER B 224 -6.55 -36.77 -12.47
C SER B 224 -6.62 -38.13 -13.09
N THR B 225 -5.58 -38.92 -12.81
CA THR B 225 -5.50 -40.31 -13.28
C THR B 225 -4.71 -41.06 -12.23
N HIS B 226 -5.07 -42.32 -11.98
CA HIS B 226 -4.36 -43.13 -11.01
C HIS B 226 -4.80 -44.58 -11.24
N ASP B 227 -4.01 -45.54 -10.75
CA ASP B 227 -4.39 -46.94 -10.91
C ASP B 227 -4.53 -47.58 -9.55
N PHE B 228 -5.20 -46.91 -8.63
CA PHE B 228 -5.38 -47.46 -7.30
C PHE B 228 -6.68 -48.27 -7.28
N MET C 1 11.17 33.15 6.79
CA MET C 1 10.24 32.23 7.54
C MET C 1 10.57 30.73 7.37
N LYS C 2 10.50 29.97 8.46
CA LYS C 2 10.74 28.54 8.44
C LYS C 2 9.67 27.84 9.29
N LEU C 3 9.12 26.73 8.81
CA LEU C 3 8.11 25.97 9.54
C LEU C 3 8.64 24.60 10.01
N SER C 4 8.59 24.35 11.32
CA SER C 4 9.08 23.09 11.90
C SER C 4 8.18 21.86 11.65
N LYS C 5 8.70 20.67 11.94
CA LYS C 5 7.96 19.42 11.76
C LYS C 5 6.65 19.45 12.54
N ASP C 6 6.70 20.04 13.73
CA ASP C 6 5.51 20.15 14.59
C ASP C 6 4.47 21.17 14.07
N THR C 7 4.93 22.33 13.61
CA THR C 7 4.00 23.32 13.07
C THR C 7 3.37 22.75 11.81
N ILE C 8 4.19 22.21 10.90
CA ILE C 8 3.66 21.66 9.65
C ILE C 8 2.59 20.60 9.95
N ALA C 9 2.83 19.83 11.00
CA ALA C 9 1.91 18.78 11.44
C ALA C 9 0.53 19.33 11.81
N ILE C 10 0.51 20.47 12.51
CA ILE C 10 -0.74 21.11 12.93
C ILE C 10 -1.44 21.65 11.70
N LEU C 11 -0.67 22.24 10.80
CA LEU C 11 -1.21 22.80 9.56
C LEU C 11 -1.76 21.71 8.65
N LYS C 12 -1.14 20.53 8.69
CA LYS C 12 -1.62 19.41 7.88
C LYS C 12 -3.01 19.01 8.39
N ASN C 13 -3.20 19.17 9.69
CA ASN C 13 -4.47 18.86 10.37
C ASN C 13 -5.53 19.87 9.98
N PHE C 14 -5.17 21.15 10.07
CA PHE C 14 -6.05 22.25 9.70
C PHE C 14 -6.47 22.13 8.24
N ALA C 15 -5.58 21.53 7.45
CA ALA C 15 -5.81 21.32 6.02
C ALA C 15 -7.02 20.43 5.81
N SER C 16 -7.29 19.54 6.76
CA SER C 16 -8.42 18.63 6.65
C SER C 16 -9.72 19.34 7.05
N ILE C 17 -9.60 20.36 7.88
CA ILE C 17 -10.76 21.11 8.31
C ILE C 17 -11.16 22.13 7.23
N ASN C 18 -10.18 22.60 6.47
CA ASN C 18 -10.39 23.56 5.37
C ASN C 18 -9.18 23.42 4.43
N SER C 19 -9.43 23.27 3.13
CA SER C 19 -8.34 23.09 2.17
C SER C 19 -7.47 24.33 2.06
N GLY C 20 -8.06 25.50 2.31
CA GLY C 20 -7.32 26.74 2.25
C GLY C 20 -7.11 27.33 3.64
N ILE C 21 -6.30 28.37 3.72
CA ILE C 21 -6.03 29.00 5.01
C ILE C 21 -5.31 30.34 4.86
N LEU C 22 -5.58 31.28 5.75
CA LEU C 22 -4.93 32.59 5.71
C LEU C 22 -3.91 32.71 6.84
N LEU C 23 -2.62 32.84 6.51
CA LEU C 23 -1.56 32.95 7.51
C LEU C 23 -1.29 34.40 7.86
N SER C 24 -1.28 34.70 9.16
CA SER C 24 -1.03 36.05 9.63
C SER C 24 0.22 36.22 10.50
N GLN C 25 1.01 37.25 10.17
CA GLN C 25 2.25 37.51 10.90
C GLN C 25 2.16 37.43 12.41
N GLY C 26 2.67 36.34 12.96
CA GLY C 26 2.67 36.14 14.39
C GLY C 26 3.07 34.71 14.72
N LYS C 27 2.55 34.17 15.83
CA LYS C 27 2.82 32.78 16.23
C LYS C 27 1.51 32.11 16.57
N PHE C 28 0.44 32.65 15.98
CA PHE C 28 -0.91 32.16 16.19
C PHE C 28 -1.59 31.82 14.84
N ILE C 29 -2.11 30.60 14.72
CA ILE C 29 -2.79 30.20 13.51
C ILE C 29 -4.21 29.75 13.88
N MET C 30 -5.17 29.97 13.00
CA MET C 30 -6.58 29.59 13.24
C MET C 30 -7.30 29.35 11.91
N THR C 31 -8.32 28.49 11.92
CA THR C 31 -9.07 28.22 10.70
C THR C 31 -10.52 27.92 11.04
N ARG C 32 -11.40 28.07 10.06
CA ARG C 32 -12.81 27.82 10.26
C ARG C 32 -13.17 26.85 9.14
N ALA C 33 -14.19 26.04 9.34
CA ALA C 33 -14.63 25.15 8.28
C ALA C 33 -15.47 26.06 7.40
N VAL C 34 -15.45 25.87 6.09
CA VAL C 34 -16.24 26.74 5.24
C VAL C 34 -17.66 26.86 5.77
N ASN C 35 -18.24 25.73 6.18
CA ASN C 35 -19.60 25.74 6.70
C ASN C 35 -19.67 25.83 8.23
N GLY C 36 -18.93 26.76 8.82
CA GLY C 36 -18.94 26.99 10.25
C GLY C 36 -19.07 25.85 11.24
N THR C 37 -19.01 24.60 10.76
CA THR C 37 -19.10 23.43 11.62
C THR C 37 -18.01 23.38 12.67
N THR C 38 -16.76 23.35 12.20
CA THR C 38 -15.62 23.27 13.10
C THR C 38 -14.68 24.50 13.03
N TYR C 39 -14.17 24.89 14.20
CA TYR C 39 -13.22 25.99 14.34
C TYR C 39 -12.03 25.52 15.17
N ALA C 40 -10.82 25.85 14.70
CA ALA C 40 -9.58 25.44 15.38
C ALA C 40 -8.56 26.58 15.41
N GLU C 41 -7.73 26.55 16.45
CA GLU C 41 -6.68 27.54 16.61
C GLU C 41 -5.56 26.94 17.47
N ALA C 42 -4.35 27.46 17.29
CA ALA C 42 -3.20 26.98 18.01
C ALA C 42 -2.07 27.99 17.96
N ASN C 43 -1.17 27.92 18.94
CA ASN C 43 -0.03 28.82 18.98
C ASN C 43 1.16 27.95 18.65
N ILE C 44 1.93 28.38 17.68
CA ILE C 44 3.10 27.65 17.24
C ILE C 44 4.37 28.37 17.69
N SER C 45 5.49 27.64 17.64
CA SER C 45 6.79 28.18 18.05
C SER C 45 7.47 28.88 16.87
N ASP C 46 7.03 28.59 15.66
CA ASP C 46 7.60 29.24 14.50
C ASP C 46 6.94 30.60 14.30
N GLU C 47 7.66 31.62 13.88
CA GLU C 47 7.07 32.94 13.68
C GLU C 47 6.81 33.22 12.20
N ILE C 48 5.58 33.50 11.89
CA ILE C 48 5.16 33.83 10.55
C ILE C 48 5.46 35.30 10.33
N ASP C 49 6.42 35.62 9.46
CA ASP C 49 6.79 37.02 9.26
C ASP C 49 6.13 37.78 8.13
N PHE C 50 5.10 37.19 7.54
CA PHE C 50 4.36 37.90 6.51
C PHE C 50 3.00 37.25 6.29
N ASP C 51 1.99 38.08 6.06
CA ASP C 51 0.61 37.65 5.84
C ASP C 51 0.42 37.13 4.42
N VAL C 52 -0.07 35.90 4.31
CA VAL C 52 -0.29 35.30 3.00
C VAL C 52 -1.44 34.29 3.05
N ALA C 53 -2.14 34.16 1.92
CA ALA C 53 -3.26 33.23 1.82
C ALA C 53 -2.89 32.07 0.89
N LEU C 54 -3.31 30.86 1.27
CA LEU C 54 -3.05 29.67 0.50
C LEU C 54 -4.37 29.03 0.10
N TYR C 55 -4.47 28.66 -1.15
CA TYR C 55 -5.66 28.04 -1.68
C TYR C 55 -5.64 26.53 -1.38
N ASP C 56 -4.49 25.89 -1.59
CA ASP C 56 -4.36 24.46 -1.35
C ASP C 56 -3.33 24.18 -0.27
N LEU C 57 -3.70 24.46 0.97
CA LEU C 57 -2.79 24.27 2.09
C LEU C 57 -2.11 22.90 2.16
N ASN C 58 -2.81 21.84 1.76
CA ASN C 58 -2.22 20.50 1.84
C ASN C 58 -1.06 20.26 0.87
N SER C 59 -1.28 20.55 -0.40
CA SER C 59 -0.24 20.36 -1.42
C SER C 59 1.02 21.18 -1.11
N PHE C 60 0.81 22.38 -0.56
CA PHE C 60 1.91 23.27 -0.17
C PHE C 60 2.80 22.52 0.81
N LEU C 61 2.16 21.92 1.82
CA LEU C 61 2.82 21.17 2.89
C LEU C 61 3.57 19.93 2.44
N SER C 62 3.15 19.38 1.31
CA SER C 62 3.85 18.22 0.79
C SER C 62 5.13 18.78 0.20
N ILE C 63 4.98 19.79 -0.66
CA ILE C 63 6.11 20.44 -1.32
C ILE C 63 7.26 20.78 -0.38
N LEU C 64 6.93 21.17 0.85
CA LEU C 64 7.95 21.50 1.83
C LEU C 64 8.81 20.29 2.19
N SER C 65 8.25 19.09 2.15
CA SER C 65 9.04 17.92 2.53
C SER C 65 10.13 17.53 1.53
N LEU C 66 10.08 18.13 0.35
CA LEU C 66 11.06 17.81 -0.67
C LEU C 66 12.25 18.75 -0.61
N VAL C 67 12.18 19.79 0.22
CA VAL C 67 13.27 20.76 0.33
C VAL C 67 14.12 20.66 1.59
N SER C 68 15.26 21.36 1.58
CA SER C 68 16.18 21.40 2.72
C SER C 68 15.36 21.77 3.94
N ASP C 69 15.75 21.25 5.11
CA ASP C 69 14.98 21.53 6.35
C ASP C 69 15.03 22.99 6.84
N ASP C 70 16.03 23.75 6.41
CA ASP C 70 16.19 25.16 6.80
C ASP C 70 15.66 26.13 5.73
N ALA C 71 15.62 25.66 4.47
CA ALA C 71 15.13 26.45 3.33
C ALA C 71 14.18 27.55 3.80
N GLU C 72 14.39 28.77 3.31
CA GLU C 72 13.59 29.92 3.71
C GLU C 72 12.34 30.12 2.86
N ILE C 73 11.24 30.50 3.50
CA ILE C 73 9.98 30.76 2.80
C ILE C 73 9.81 32.28 2.79
N SER C 74 9.62 32.86 1.62
CA SER C 74 9.49 34.31 1.54
C SER C 74 8.55 34.77 0.46
N MET C 75 8.18 36.04 0.57
CA MET C 75 7.29 36.70 -0.38
C MET C 75 8.20 37.06 -1.55
N HIS C 76 7.90 36.52 -2.73
CA HIS C 76 8.69 36.79 -3.92
C HIS C 76 8.31 38.14 -4.52
N THR C 77 9.13 38.66 -5.45
CA THR C 77 8.88 39.96 -6.07
C THR C 77 7.61 40.08 -6.94
N ASP C 78 7.01 38.94 -7.29
CA ASP C 78 5.79 38.99 -8.10
C ASP C 78 4.52 38.84 -7.29
N GLY C 79 4.66 38.81 -5.97
CA GLY C 79 3.51 38.65 -5.09
C GLY C 79 3.21 37.21 -4.68
N ASN C 80 4.03 36.27 -5.17
CA ASN C 80 3.90 34.85 -4.86
C ASN C 80 4.90 34.40 -3.81
N ILE C 81 4.85 33.12 -3.45
CA ILE C 81 5.72 32.57 -2.43
C ILE C 81 6.98 31.98 -3.04
N LYS C 82 8.07 32.08 -2.30
CA LYS C 82 9.36 31.58 -2.76
C LYS C 82 10.00 30.73 -1.65
N ILE C 83 10.27 29.46 -1.96
CA ILE C 83 10.90 28.56 -1.01
C ILE C 83 12.28 28.19 -1.51
N ALA C 84 13.32 28.70 -0.87
CA ALA C 84 14.66 28.43 -1.35
C ALA C 84 15.79 28.22 -0.36
N ASP C 85 16.86 27.65 -0.89
CA ASP C 85 18.06 27.41 -0.12
C ASP C 85 19.20 27.79 -1.04
N THR C 86 20.40 27.41 -0.65
CA THR C 86 21.55 27.77 -1.45
C THR C 86 21.56 27.21 -2.88
N ARG C 87 20.88 26.10 -3.12
CA ARG C 87 20.87 25.48 -4.45
C ARG C 87 19.64 25.60 -5.30
N SER C 88 18.48 25.23 -4.76
CA SER C 88 17.25 25.31 -5.55
C SER C 88 16.24 26.30 -4.99
N THR C 89 15.23 26.60 -5.80
CA THR C 89 14.17 27.52 -5.40
C THR C 89 12.82 26.96 -5.88
N VAL C 90 11.80 27.02 -5.01
CA VAL C 90 10.45 26.55 -5.35
C VAL C 90 9.54 27.77 -5.24
N TYR C 91 8.67 27.94 -6.24
CA TYR C 91 7.73 29.05 -6.24
C TYR C 91 6.34 28.46 -6.06
N TRP C 92 5.47 29.17 -5.37
CA TRP C 92 4.12 28.69 -5.11
C TRP C 92 3.18 29.89 -5.12
N PRO C 93 1.99 29.74 -5.71
CA PRO C 93 1.02 30.82 -5.79
C PRO C 93 0.47 31.36 -4.46
N ALA C 94 0.44 32.69 -4.34
CA ALA C 94 -0.09 33.39 -3.17
C ALA C 94 -1.56 33.59 -3.53
N ALA C 95 -2.46 33.20 -2.64
CA ALA C 95 -3.88 33.31 -2.94
C ALA C 95 -4.47 34.68 -2.67
N ASP C 96 -5.60 34.95 -3.34
CA ASP C 96 -6.36 36.17 -3.17
C ASP C 96 -7.49 35.85 -2.17
N LYS C 97 -7.46 36.51 -1.00
CA LYS C 97 -8.45 36.31 0.05
C LYS C 97 -9.88 35.94 -0.32
N SER C 98 -10.38 36.42 -1.45
CA SER C 98 -11.74 36.10 -1.85
C SER C 98 -11.90 34.65 -2.32
N THR C 99 -10.79 33.95 -2.54
CA THR C 99 -10.87 32.57 -2.98
C THR C 99 -10.84 31.54 -1.83
N ILE C 100 -10.69 32.02 -0.60
CA ILE C 100 -10.64 31.14 0.57
C ILE C 100 -11.52 31.65 1.72
N VAL C 101 -11.98 30.74 2.58
CA VAL C 101 -12.82 31.15 3.69
C VAL C 101 -12.01 31.10 4.97
N PHE C 102 -12.06 32.16 5.75
CA PHE C 102 -11.29 32.19 6.99
C PHE C 102 -11.96 33.05 8.05
N PRO C 103 -11.64 32.77 9.32
CA PRO C 103 -12.20 33.52 10.46
C PRO C 103 -11.63 34.94 10.47
N ASN C 104 -12.43 35.93 10.82
CA ASN C 104 -11.91 37.28 10.87
C ASN C 104 -11.40 37.53 12.28
N LYS C 105 -11.94 36.78 13.23
CA LYS C 105 -11.52 36.91 14.62
C LYS C 105 -11.68 35.56 15.26
N PRO C 106 -10.93 35.30 16.34
CA PRO C 106 -11.03 34.01 17.02
C PRO C 106 -12.27 33.88 17.93
N ILE C 107 -12.72 32.65 18.10
CA ILE C 107 -13.87 32.32 18.94
C ILE C 107 -13.47 32.27 20.41
N GLN C 108 -14.39 32.68 21.26
CA GLN C 108 -14.18 32.69 22.70
C GLN C 108 -15.21 31.73 23.32
N PHE C 109 -14.76 30.91 24.25
CA PHE C 109 -15.65 29.96 24.90
C PHE C 109 -15.72 30.39 26.36
N PRO C 110 -16.42 31.51 26.64
CA PRO C 110 -16.60 32.12 27.96
C PRO C 110 -17.14 31.25 29.08
N VAL C 111 -18.17 30.48 28.78
CA VAL C 111 -18.76 29.64 29.80
C VAL C 111 -18.93 28.20 29.34
N ALA C 112 -19.00 27.28 30.30
CA ALA C 112 -19.19 25.87 30.00
C ALA C 112 -20.36 25.40 30.84
N SER C 113 -20.79 24.17 30.60
CA SER C 113 -21.90 23.55 31.34
C SER C 113 -21.38 22.30 32.03
N VAL C 114 -20.52 21.57 31.34
CA VAL C 114 -19.90 20.37 31.88
C VAL C 114 -18.47 20.25 31.38
N ILE C 115 -17.56 19.80 32.25
CA ILE C 115 -16.16 19.63 31.90
C ILE C 115 -15.59 18.22 32.17
N THR C 116 -15.11 17.58 31.12
CA THR C 116 -14.53 16.26 31.25
C THR C 116 -13.21 16.20 30.48
N GLU C 117 -12.72 15.00 30.18
CA GLU C 117 -11.46 14.83 29.46
C GLU C 117 -11.44 13.46 28.78
N ILE C 118 -10.60 13.38 27.75
CA ILE C 118 -10.43 12.14 27.01
C ILE C 118 -8.95 12.01 26.71
N LYS C 119 -8.39 10.86 27.09
CA LYS C 119 -6.98 10.55 26.87
C LYS C 119 -6.69 10.20 25.41
N ALA C 120 -5.49 10.53 24.97
CA ALA C 120 -5.06 10.27 23.61
C ALA C 120 -5.39 8.85 23.11
N GLU C 121 -5.04 7.85 23.92
CA GLU C 121 -5.30 6.46 23.58
C GLU C 121 -6.77 6.17 23.28
N ASP C 122 -7.65 6.70 24.12
CA ASP C 122 -9.08 6.53 23.99
C ASP C 122 -9.62 7.21 22.74
N LEU C 123 -9.14 8.43 22.47
CA LEU C 123 -9.60 9.17 21.31
C LEU C 123 -9.32 8.41 20.04
N GLN C 124 -8.09 7.92 19.96
CA GLN C 124 -7.62 7.15 18.81
C GLN C 124 -8.52 5.93 18.55
N GLN C 125 -8.88 5.20 19.61
CA GLN C 125 -9.77 4.05 19.45
C GLN C 125 -11.16 4.54 18.99
N LEU C 126 -11.66 5.62 19.60
CA LEU C 126 -12.97 6.17 19.19
C LEU C 126 -13.02 6.38 17.66
N LEU C 127 -11.96 6.95 17.09
CA LEU C 127 -11.94 7.18 15.65
C LEU C 127 -11.73 5.89 14.87
N ARG C 128 -10.73 5.09 15.23
CA ARG C 128 -10.48 3.83 14.53
C ARG C 128 -11.72 2.95 14.43
N VAL C 129 -12.40 2.76 15.57
CA VAL C 129 -13.62 1.95 15.69
C VAL C 129 -14.77 2.61 14.93
N SER C 130 -14.84 3.93 15.01
CA SER C 130 -15.88 4.66 14.32
C SER C 130 -15.74 4.40 12.82
N ARG C 131 -14.48 4.28 12.37
CA ARG C 131 -14.19 4.02 10.97
C ARG C 131 -14.63 2.60 10.63
N GLY C 132 -14.37 1.66 11.52
CA GLY C 132 -14.75 0.29 11.26
C GLY C 132 -16.21 -0.03 11.51
N LEU C 133 -16.90 0.79 12.29
CA LEU C 133 -18.31 0.54 12.61
C LEU C 133 -19.25 1.47 11.87
N GLN C 134 -18.71 2.25 10.95
CA GLN C 134 -19.51 3.17 10.16
C GLN C 134 -20.26 4.14 11.08
N ILE C 135 -19.68 4.44 12.23
CA ILE C 135 -20.29 5.37 13.19
C ILE C 135 -20.12 6.83 12.70
N ASP C 136 -21.23 7.52 12.50
CA ASP C 136 -21.16 8.88 12.03
C ASP C 136 -21.65 9.88 13.06
N THR C 137 -22.25 9.37 14.13
CA THR C 137 -22.77 10.27 15.13
C THR C 137 -22.52 9.82 16.56
N ILE C 138 -21.64 10.51 17.30
CA ILE C 138 -21.45 10.12 18.69
C ILE C 138 -22.39 10.99 19.50
N ALA C 139 -22.54 10.63 20.77
CA ALA C 139 -23.39 11.39 21.70
C ALA C 139 -22.72 11.27 23.05
N ILE C 140 -22.45 12.40 23.68
CA ILE C 140 -21.81 12.42 24.99
C ILE C 140 -22.91 12.53 26.05
N THR C 141 -22.87 11.71 27.10
CA THR C 141 -23.94 11.77 28.10
C THR C 141 -23.56 11.28 29.47
N ASN C 142 -24.33 11.68 30.48
CA ASN C 142 -24.08 11.22 31.84
C ASN C 142 -24.73 9.85 31.99
N LYS C 143 -24.13 8.98 32.80
CA LYS C 143 -24.67 7.65 33.00
C LYS C 143 -24.04 7.04 34.24
N ASP C 144 -24.88 6.75 35.23
CA ASP C 144 -24.42 6.16 36.47
C ASP C 144 -23.23 6.92 37.04
N GLY C 145 -23.42 8.23 37.14
CA GLY C 145 -22.39 9.11 37.66
C GLY C 145 -21.14 9.15 36.83
N LYS C 146 -21.27 8.85 35.53
CA LYS C 146 -20.11 8.87 34.65
C LYS C 146 -20.46 9.47 33.29
N ILE C 147 -19.49 10.17 32.69
CA ILE C 147 -19.69 10.74 31.38
C ILE C 147 -19.27 9.64 30.41
N VAL C 148 -20.12 9.30 29.46
CA VAL C 148 -19.77 8.28 28.49
C VAL C 148 -20.07 8.80 27.09
N ILE C 149 -19.45 8.16 26.10
CA ILE C 149 -19.64 8.53 24.70
C ILE C 149 -20.20 7.29 23.96
N ASN C 150 -21.33 7.45 23.29
CA ASN C 150 -21.89 6.35 22.55
C ASN C 150 -21.79 6.72 21.09
N GLY C 151 -21.28 5.80 20.29
CA GLY C 151 -21.13 6.02 18.85
C GLY C 151 -22.32 5.41 18.16
N TYR C 152 -22.85 6.09 17.14
CA TYR C 152 -24.02 5.61 16.43
C TYR C 152 -23.90 5.76 14.93
N ASN C 153 -24.66 4.93 14.22
CA ASN C 153 -24.74 5.00 12.77
C ASN C 153 -26.14 5.59 12.54
N LYS C 154 -26.22 6.92 12.56
CA LYS C 154 -27.48 7.62 12.41
C LYS C 154 -28.30 7.14 11.22
N VAL C 155 -27.64 6.76 10.13
CA VAL C 155 -28.37 6.30 8.97
C VAL C 155 -29.23 5.07 9.24
N GLU C 156 -28.63 4.04 9.85
CA GLU C 156 -29.34 2.80 10.15
C GLU C 156 -30.04 2.88 11.49
N ASP C 157 -29.82 3.98 12.21
CA ASP C 157 -30.40 4.21 13.53
C ASP C 157 -30.86 5.68 13.68
N SER C 158 -31.97 6.02 13.04
CA SER C 158 -32.53 7.39 13.07
C SER C 158 -32.46 8.13 14.40
N GLY C 159 -32.94 7.49 15.46
CA GLY C 159 -32.98 8.14 16.76
C GLY C 159 -31.82 7.92 17.72
N LEU C 160 -30.72 7.39 17.23
CA LEU C 160 -29.57 7.15 18.10
C LEU C 160 -30.07 6.46 19.36
N THR C 161 -30.36 5.18 19.22
CA THR C 161 -30.87 4.41 20.34
C THR C 161 -30.16 3.07 20.53
N ARG C 162 -29.43 2.61 19.53
CA ARG C 162 -28.73 1.33 19.61
C ARG C 162 -27.24 1.52 19.37
N PRO C 163 -26.52 2.04 20.38
CA PRO C 163 -25.08 2.27 20.23
C PRO C 163 -24.28 1.11 19.64
N LYS C 164 -23.26 1.44 18.83
CA LYS C 164 -22.40 0.44 18.20
C LYS C 164 -21.09 0.38 18.95
N TYR C 165 -20.71 1.51 19.55
CA TYR C 165 -19.49 1.60 20.35
C TYR C 165 -19.78 2.45 21.57
N SER C 166 -18.96 2.31 22.60
CA SER C 166 -19.19 3.07 23.80
C SER C 166 -17.93 3.23 24.68
N LEU C 167 -17.57 4.46 25.03
CA LEU C 167 -16.38 4.68 25.82
C LEU C 167 -16.67 5.42 27.12
N THR C 168 -16.06 4.96 28.20
CA THR C 168 -16.23 5.65 29.50
C THR C 168 -15.27 6.82 29.76
N LEU C 169 -15.69 7.86 30.46
CA LEU C 169 -14.77 8.96 30.66
C LEU C 169 -14.62 9.24 32.14
N THR C 170 -14.52 10.50 32.54
CA THR C 170 -14.38 10.85 33.95
C THR C 170 -15.73 10.69 34.76
N ASP C 171 -15.65 10.56 36.05
CA ASP C 171 -16.85 10.52 36.87
C ASP C 171 -17.71 11.83 36.80
N TYR C 172 -19.04 11.69 36.78
CA TYR C 172 -19.91 12.84 36.76
C TYR C 172 -20.68 12.93 38.09
N ASP C 173 -20.16 13.76 38.99
CA ASP C 173 -20.81 13.97 40.29
C ASP C 173 -21.69 15.23 40.14
N GLY C 174 -22.70 15.16 39.28
CA GLY C 174 -23.55 16.31 39.09
C GLY C 174 -25.02 16.00 39.10
N SER C 175 -25.81 17.07 38.96
CA SER C 175 -27.25 16.97 38.96
C SER C 175 -27.83 16.88 37.57
N ASN C 176 -27.62 17.94 36.77
CA ASN C 176 -28.16 18.02 35.41
C ASN C 176 -28.18 16.73 34.59
N ASN C 177 -29.02 16.70 33.55
CA ASN C 177 -29.14 15.56 32.67
C ASN C 177 -28.93 16.08 31.24
N PHE C 178 -28.11 15.40 30.46
CA PHE C 178 -27.79 15.86 29.12
C PHE C 178 -27.35 14.80 28.12
N ASN C 179 -27.64 15.04 26.84
CA ASN C 179 -27.24 14.13 25.76
C ASN C 179 -26.83 15.01 24.58
N PHE C 180 -25.58 15.44 24.59
CA PHE C 180 -25.05 16.29 23.54
C PHE C 180 -24.66 15.43 22.36
N VAL C 181 -25.21 15.73 21.19
CA VAL C 181 -24.94 14.97 19.99
C VAL C 181 -23.98 15.71 19.07
N ILE C 182 -22.87 15.06 18.72
CA ILE C 182 -21.85 15.64 17.84
C ILE C 182 -21.76 14.86 16.54
N ASN C 183 -21.62 15.54 15.43
CA ASN C 183 -21.51 14.84 14.17
C ASN C 183 -20.06 14.38 14.00
N MET C 184 -19.85 13.06 13.94
CA MET C 184 -18.49 12.51 13.80
C MET C 184 -17.74 13.16 12.70
N ALA C 185 -18.44 13.56 11.66
CA ALA C 185 -17.75 14.21 10.52
C ALA C 185 -16.98 15.48 10.96
N ASN C 186 -17.34 16.07 12.11
CA ASN C 186 -16.70 17.29 12.58
C ASN C 186 -15.56 17.07 13.59
N MET C 187 -15.26 15.81 13.88
CA MET C 187 -14.23 15.46 14.85
C MET C 187 -12.84 15.32 14.25
N LYS C 188 -12.48 16.24 13.36
CA LYS C 188 -11.16 16.20 12.73
C LYS C 188 -10.07 16.68 13.69
N ILE C 189 -10.01 16.05 14.85
CA ILE C 189 -9.06 16.38 15.92
C ILE C 189 -7.79 15.57 15.76
N GLN C 190 -6.62 16.20 15.95
CA GLN C 190 -5.37 15.45 15.83
C GLN C 190 -5.12 14.66 17.12
N PRO C 191 -4.30 13.60 17.07
CA PRO C 191 -4.09 12.85 18.30
C PRO C 191 -3.51 13.65 19.43
N GLY C 192 -3.87 13.25 20.65
CA GLY C 192 -3.41 13.93 21.83
C GLY C 192 -4.43 13.83 22.96
N ASN C 193 -4.07 14.37 24.12
CA ASN C 193 -4.97 14.36 25.28
C ASN C 193 -5.74 15.67 25.31
N TYR C 194 -7.06 15.55 25.30
CA TYR C 194 -7.92 16.72 25.31
C TYR C 194 -8.83 16.90 26.53
N LYS C 195 -9.02 18.17 26.88
CA LYS C 195 -9.86 18.57 27.99
C LYS C 195 -11.17 18.92 27.31
N VAL C 196 -12.27 18.30 27.71
CA VAL C 196 -13.56 18.55 27.05
C VAL C 196 -14.55 19.44 27.85
N MET C 197 -14.96 20.57 27.24
CA MET C 197 -15.91 21.50 27.84
C MET C 197 -17.18 21.54 26.98
N LEU C 198 -18.29 21.08 27.55
CA LEU C 198 -19.57 21.05 26.85
C LEU C 198 -20.48 22.13 27.39
N TRP C 199 -21.08 22.90 26.50
CA TRP C 199 -21.95 23.99 26.94
C TRP C 199 -23.36 23.99 26.38
N GLY C 200 -24.33 24.15 27.30
CA GLY C 200 -25.73 24.18 26.93
C GLY C 200 -26.48 25.40 27.46
N ALA C 201 -27.20 26.07 26.57
CA ALA C 201 -28.01 27.23 26.90
C ALA C 201 -29.12 27.34 25.86
N GLY C 202 -30.28 26.80 26.20
CA GLY C 202 -31.40 26.82 25.27
C GLY C 202 -31.11 25.88 24.13
N ASP C 203 -31.27 26.36 22.90
CA ASP C 203 -31.01 25.51 21.74
C ASP C 203 -29.56 25.69 21.34
N LYS C 204 -28.86 26.60 22.00
CA LYS C 204 -27.46 26.80 21.69
C LYS C 204 -26.61 25.76 22.42
N VAL C 205 -25.94 24.89 21.64
CA VAL C 205 -25.04 23.87 22.19
C VAL C 205 -23.75 23.85 21.38
N ALA C 206 -22.60 23.79 22.08
CA ALA C 206 -21.29 23.77 21.44
C ALA C 206 -20.31 23.05 22.34
N ALA C 207 -19.27 22.49 21.74
CA ALA C 207 -18.27 21.79 22.51
C ALA C 207 -16.90 22.35 22.19
N LYS C 208 -15.98 22.22 23.15
CA LYS C 208 -14.62 22.70 22.97
C LYS C 208 -13.61 21.66 23.46
N PHE C 209 -12.76 21.21 22.53
CA PHE C 209 -11.72 20.26 22.85
C PHE C 209 -10.42 21.02 22.85
N GLU C 210 -9.66 20.88 23.92
CA GLU C 210 -8.41 21.59 24.07
C GLU C 210 -7.28 20.69 24.52
N SER C 211 -6.13 20.80 23.84
CA SER C 211 -4.95 20.03 24.21
C SER C 211 -3.86 21.06 24.41
N SER C 212 -2.69 20.60 24.81
CA SER C 212 -1.59 21.52 25.04
C SER C 212 -1.11 22.15 23.74
N GLN C 213 -1.42 21.49 22.62
CA GLN C 213 -1.01 21.93 21.31
C GLN C 213 -2.02 22.78 20.57
N VAL C 214 -3.17 22.19 20.27
CA VAL C 214 -4.23 22.89 19.53
C VAL C 214 -5.51 23.05 20.38
N SER C 215 -6.55 23.62 19.78
CA SER C 215 -7.86 23.83 20.42
C SER C 215 -8.96 23.96 19.37
N TYR C 216 -9.97 23.09 19.44
CA TYR C 216 -11.04 23.14 18.45
C TYR C 216 -12.38 23.52 19.09
N VAL C 217 -13.26 24.16 18.31
CA VAL C 217 -14.59 24.49 18.80
C VAL C 217 -15.58 23.95 17.79
N ILE C 218 -16.42 23.02 18.24
CA ILE C 218 -17.38 22.39 17.37
C ILE C 218 -18.83 22.71 17.71
N ALA C 219 -19.66 22.66 16.67
CA ALA C 219 -21.07 22.93 16.78
C ALA C 219 -21.73 21.57 17.00
N MET C 220 -22.63 21.49 17.98
CA MET C 220 -23.32 20.22 18.24
C MET C 220 -24.70 20.19 17.60
N GLU C 221 -25.15 18.99 17.24
CA GLU C 221 -26.43 18.82 16.57
C GLU C 221 -27.67 19.18 17.38
N ALA C 222 -28.76 19.47 16.67
CA ALA C 222 -30.04 19.85 17.25
C ALA C 222 -30.69 18.75 18.13
N ASP C 223 -30.21 17.53 17.99
CA ASP C 223 -30.71 16.39 18.75
C ASP C 223 -30.27 16.44 20.19
N SER C 224 -29.28 17.27 20.47
CA SER C 224 -28.79 17.40 21.82
C SER C 224 -29.92 17.77 22.75
N THR C 225 -29.74 17.43 24.03
CA THR C 225 -30.71 17.70 25.08
C THR C 225 -29.96 17.95 26.39
N HIS C 226 -30.43 18.92 27.17
CA HIS C 226 -29.80 19.24 28.44
C HIS C 226 -30.75 20.12 29.21
N ASP C 227 -30.54 20.20 30.52
CA ASP C 227 -31.38 21.03 31.35
C ASP C 227 -30.46 21.99 32.11
N PHE C 228 -29.71 22.78 31.36
CA PHE C 228 -28.83 23.74 31.99
C PHE C 228 -29.54 25.09 31.98
N LYS D 1 -17.77 -32.19 -13.96
CA LYS D 1 -16.28 -32.08 -13.95
C LYS D 1 -15.88 -31.19 -12.77
N LYS D 2 -16.80 -30.34 -12.35
CA LYS D 2 -16.54 -29.43 -11.23
C LYS D 2 -15.99 -30.20 -10.03
N ALA D 3 -14.75 -29.90 -9.67
CA ALA D 3 -14.16 -30.54 -8.51
C ALA D 3 -15.04 -30.10 -7.32
N SER D 4 -15.64 -31.08 -6.64
CA SER D 4 -16.49 -30.75 -5.51
C SER D 4 -16.51 -31.82 -4.43
N LEU D 5 -16.12 -31.42 -3.23
CA LEU D 5 -16.07 -32.34 -2.11
C LEU D 5 -17.39 -33.04 -1.89
N PHE D 6 -18.51 -32.38 -2.25
CA PHE D 6 -19.84 -32.98 -2.08
C PHE D 6 -20.09 -34.18 -2.98
N ASP D 7 -19.09 -34.56 -3.76
CA ASP D 7 -19.20 -35.70 -4.65
C ASP D 7 -18.50 -36.91 -4.04
N MET D 8 -17.93 -36.70 -2.86
CA MET D 8 -17.21 -37.76 -2.17
C MET D 8 -17.57 -37.81 -0.68
N PHE D 9 -17.86 -36.64 -0.10
CA PHE D 9 -18.15 -36.53 1.33
C PHE D 9 -19.50 -35.96 1.79
N ASP D 10 -19.91 -36.51 2.94
CA ASP D 10 -21.15 -36.27 3.66
C ASP D 10 -21.46 -34.93 4.38
N PHE D 11 -20.43 -34.19 4.81
CA PHE D 11 -20.62 -32.88 5.49
C PHE D 11 -21.69 -31.94 4.90
#